data_8F2Z
#
_entry.id   8F2Z
#
_cell.length_a   119.474
_cell.length_b   179.246
_cell.length_c   234.683
_cell.angle_alpha   90.00
_cell.angle_beta   90.00
_cell.angle_gamma   90.00
#
_symmetry.space_group_name_H-M   'I 2 2 2'
#
loop_
_entity.id
_entity.type
_entity.pdbx_description
1 polymer 'Lysine-specific histone demethylase 1A'
2 polymer 'REST corepressor 1'
3 non-polymer "[(2R,3S,4R,5R)-5-(6-amino-9H-purin-9-yl)-3,4-dihydroxyoxolan-2-yl]methyl (2R,3S,4S)-5-[(1R,3S,3aS,13R)-3-([1,1'-biphenyl]-4-yl)-1-hydroxy-10,11-dimethyl-4,6-dioxo-2,3,5,6-tetrahydro-1H-benzo[g]pyrrolo[2,1-e]pteridin-8(4H)-yl]-2,3,4-trihydroxypentyl dihydrogen diphosphate (non-preferred name)"
#
loop_
_entity_poly.entity_id
_entity_poly.type
_entity_poly.pdbx_seq_one_letter_code
_entity_poly.pdbx_strand_id
1 'polypeptide(L)'
;GSSHHHHHHSSGLVPRGSHMLSGKKAAAAAAAAAAAATGTEAGPGTAGGSENGSEVAAQPAGLSGPAEVGPGAVGERTPR
KKEPPRASPPGGLAEPPGSAGPQAGPTVVPGSATPMETGIAETPEGRRTSRRKRAKVEYREMDESLANLSEDEYYSEEER
NAKAEKEKKLPPPPPQAPPEEENESEPEEPSGVEGAAFQSRLPHDRMTSQEAACFPDIISGPQQTQKVFLFIRNRTLQLW
LDNPKIQLTFEATLQQLEAPYNSDTVLVHRVHSYLERHGLINFGIYKRIKPLPTKKTGKVIIIGSGVSGLAAARQLQSFG
MDVTLLEARDRVGGRVATFRKGNYVADLGAMVVTGLGGNPMAVVSKQVNMELAKIKQKCPLYEANGQAVPKEKDEMVEQE
FNRLLEATSYLSHQLDFNVLNNKPVSLGQALEVVIQLQEKHVKDEQIEHWKKIVKTQEELKELLNKMVNLKEKIKELHQQ
YKEASEVKPPRDITAEFLVKSKHRDLTALCKEYDELAETQGKLEEKLQELEANPPSDVYLSSRDRQILDWHFANLEFANA
TPLSTLSLKHWDQDDDFEFTGSHLTVRNGYSCVPVALAEGLDIKLNTAVRQVRYTASGCEVIAVNTRSTSQTFIYKCDAV
LCTLPLGVLKQQPPAVQFVPPLPEWKTSAVQRMGFGNLNKVVLCFDRVFWDPSVNLFGHVGSTTASRGELFLFWNLYKAP
ILLALVAGEAAGIMENISDDVIVGRCLAILKGIFGSSAVPQPKETVVSRWRADPWARGSYSYVAAGSSGNDYDLMAQPIT
PGPSIPGAPQPIPRLFFAGEHTIRNYPATVHGALLSGLREAGRIADQFLGAMYTLPRQATPGVPAQQSPSM
;
A
2 'polypeptide(L)'
;GPLGSPEFRAKRKPPKGMFLSQEDVEAVSANATAATTVLRQLDMELVSVKRQIQNIKQTNSALKEKLDGGIEPYRLPEVI
QKCNARWTTEEQLLAVQAIRKYGRDFQAISDVIGNKSVVQVKNFFVNYRRRFNIDEVLQEWEAE
;
B
#
loop_
_chem_comp.id
_chem_comp.type
_chem_comp.name
_chem_comp.formula
XB3 non-polymer '[(2R,3S,4R,5R)-5-(6-amino-9H-purin-9-yl)-3,4-dihydroxyoxolan-2-yl]methyl (2R,3S,4S)-5-[(1R,3S,3aS,13R)-3-([1,1'-biphenyl]-4-yl)-1-hydroxy-10,11-dimethyl-4,6-dioxo-2,3,5,6-tetrahydro-1H-benzo[g]pyrrolo[2,1-e]pteridin-8(4H)-yl]-2,3,4-trihydroxypentyl dihydrogen diphosphate (non-preferred name)' 'C42 H47 N9 O16 P2'
#
# COMPACT_ATOMS: atom_id res chain seq x y z
N GLY A 192 15.43 8.35 -30.38
CA GLY A 192 16.62 8.19 -31.22
C GLY A 192 17.37 6.85 -31.10
N VAL A 193 18.71 6.92 -31.04
CA VAL A 193 19.46 5.73 -30.62
C VAL A 193 19.25 5.51 -29.13
N GLU A 194 19.11 6.59 -28.35
CA GLU A 194 18.88 6.43 -26.93
C GLU A 194 17.54 5.76 -26.63
N GLY A 195 16.58 5.87 -27.56
CA GLY A 195 15.32 5.18 -27.39
C GLY A 195 15.46 3.70 -27.61
N ALA A 196 16.34 3.30 -28.52
CA ALA A 196 16.63 1.89 -28.71
C ALA A 196 17.20 1.27 -27.43
N ALA A 197 18.01 2.03 -26.67
CA ALA A 197 18.59 1.48 -25.45
C ALA A 197 17.54 1.37 -24.34
N PHE A 198 16.63 2.34 -24.26
CA PHE A 198 15.54 2.24 -23.30
C PHE A 198 14.65 1.04 -23.61
N GLN A 199 14.33 0.84 -24.88
CA GLN A 199 13.42 -0.21 -25.30
C GLN A 199 14.10 -1.57 -25.26
N SER A 200 15.41 -1.59 -25.05
CA SER A 200 16.19 -2.80 -24.81
C SER A 200 16.54 -2.98 -23.34
N ARG A 201 15.95 -2.18 -22.45
CA ARG A 201 16.14 -2.28 -21.00
C ARG A 201 17.60 -2.00 -20.61
N LEU A 202 18.27 -1.09 -21.33
CA LEU A 202 19.70 -0.81 -21.21
C LEU A 202 20.01 0.67 -21.00
N PRO A 203 20.82 1.03 -19.99
CA PRO A 203 21.26 2.43 -19.85
C PRO A 203 22.05 2.89 -21.06
N HIS A 204 21.55 3.91 -21.75
CA HIS A 204 22.12 4.33 -23.03
C HIS A 204 23.50 4.98 -22.90
N ASP A 205 23.93 5.35 -21.70
CA ASP A 205 25.13 6.16 -21.50
C ASP A 205 26.07 5.54 -20.48
N ARG A 206 25.94 4.23 -20.27
CA ARG A 206 26.76 3.46 -19.35
C ARG A 206 26.84 2.03 -19.85
N MET A 207 27.98 1.40 -19.61
CA MET A 207 28.12 -0.01 -19.95
C MET A 207 27.55 -0.82 -18.80
N THR A 208 26.72 -1.84 -19.14
CA THR A 208 26.15 -2.69 -18.11
C THR A 208 27.20 -3.63 -17.57
N SER A 209 26.89 -4.31 -16.47
CA SER A 209 27.84 -5.28 -15.94
C SER A 209 28.05 -6.45 -16.91
N GLN A 210 27.01 -6.80 -17.67
CA GLN A 210 27.13 -7.79 -18.76
C GLN A 210 28.25 -7.40 -19.70
N GLU A 211 28.22 -6.15 -20.18
CA GLU A 211 29.15 -5.67 -21.18
C GLU A 211 30.56 -5.54 -20.63
N ALA A 212 30.70 -5.22 -19.36
CA ALA A 212 32.02 -5.24 -18.75
C ALA A 212 32.60 -6.64 -18.78
N ALA A 213 31.75 -7.66 -18.61
CA ALA A 213 32.26 -9.03 -18.67
C ALA A 213 32.81 -9.37 -20.04
N CYS A 214 32.07 -9.02 -21.11
CA CYS A 214 32.51 -9.32 -22.46
C CYS A 214 33.49 -8.32 -23.05
N PHE A 215 33.59 -7.13 -22.50
CA PHE A 215 34.44 -6.16 -23.15
C PHE A 215 35.31 -5.51 -22.08
N PRO A 216 36.06 -6.28 -21.31
CA PRO A 216 36.78 -5.67 -20.18
C PRO A 216 37.88 -4.73 -20.61
N ASP A 217 38.44 -4.92 -21.81
CA ASP A 217 39.32 -3.89 -22.38
C ASP A 217 38.64 -2.52 -22.42
N ILE A 218 37.43 -2.45 -22.98
CA ILE A 218 36.80 -1.17 -23.25
C ILE A 218 36.39 -0.46 -21.97
N ILE A 219 35.65 -1.13 -21.09
CA ILE A 219 35.14 -0.45 -19.91
C ILE A 219 36.27 -0.04 -18.98
N SER A 220 37.42 -0.70 -19.02
CA SER A 220 38.58 -0.26 -18.23
C SER A 220 39.43 0.76 -18.99
N GLY A 221 39.11 0.98 -20.26
CA GLY A 221 39.87 1.83 -21.14
C GLY A 221 39.43 3.27 -21.06
N PRO A 222 39.78 4.05 -22.08
CA PRO A 222 39.51 5.49 -22.03
C PRO A 222 38.04 5.83 -22.32
N GLN A 223 37.56 6.89 -21.63
CA GLN A 223 36.18 7.36 -21.75
C GLN A 223 35.72 7.47 -23.19
N GLN A 224 36.63 7.71 -24.13
CA GLN A 224 36.18 7.93 -25.49
C GLN A 224 35.81 6.61 -26.16
N THR A 225 36.64 5.57 -25.98
CA THR A 225 36.27 4.27 -26.54
C THR A 225 34.90 3.84 -26.00
N GLN A 226 34.65 4.03 -24.69
CA GLN A 226 33.38 3.60 -24.10
C GLN A 226 32.20 4.22 -24.84
N LYS A 227 32.33 5.49 -25.21
CA LYS A 227 31.25 6.19 -25.90
C LYS A 227 31.06 5.63 -27.31
N VAL A 228 32.17 5.34 -28.00
CA VAL A 228 32.09 4.72 -29.32
C VAL A 228 31.31 3.41 -29.21
N PHE A 229 31.78 2.52 -28.35
CA PHE A 229 31.10 1.25 -28.11
C PHE A 229 29.62 1.47 -27.82
N LEU A 230 29.32 2.36 -26.88
CA LEU A 230 27.94 2.60 -26.46
C LEU A 230 27.10 3.05 -27.63
N PHE A 231 27.69 3.83 -28.55
CA PHE A 231 26.94 4.23 -29.74
C PHE A 231 26.74 3.05 -30.68
N ILE A 232 27.79 2.25 -30.89
CA ILE A 232 27.68 1.10 -31.78
C ILE A 232 26.64 0.13 -31.22
N ARG A 233 26.59 0.02 -29.89
CA ARG A 233 25.64 -0.85 -29.20
C ARG A 233 24.20 -0.39 -29.45
N ASN A 234 23.94 0.91 -29.16
CA ASN A 234 22.62 1.53 -29.30
C ASN A 234 22.18 1.60 -30.75
N ARG A 235 23.13 1.82 -31.66
CA ARG A 235 22.79 1.97 -33.07
C ARG A 235 22.35 0.64 -33.67
N THR A 236 23.04 -0.45 -33.34
CA THR A 236 22.59 -1.77 -33.80
C THR A 236 21.22 -2.10 -33.21
N LEU A 237 21.01 -1.76 -31.94
CA LEU A 237 19.71 -2.00 -31.33
C LEU A 237 18.63 -1.30 -32.12
N GLN A 238 18.89 -0.05 -32.51
CA GLN A 238 17.91 0.73 -33.25
C GLN A 238 17.64 0.09 -34.60
N LEU A 239 18.68 -0.42 -35.26
CA LEU A 239 18.48 -1.09 -36.54
C LEU A 239 17.57 -2.29 -36.40
N TRP A 240 17.85 -3.16 -35.43
CA TRP A 240 16.99 -4.31 -35.21
C TRP A 240 15.58 -3.85 -34.86
N LEU A 241 15.48 -2.91 -33.91
CA LEU A 241 14.17 -2.52 -33.40
C LEU A 241 13.32 -1.89 -34.50
N ASP A 242 13.96 -1.16 -35.41
CA ASP A 242 13.22 -0.46 -36.46
C ASP A 242 12.58 -1.43 -37.43
N ASN A 243 13.14 -2.61 -37.57
CA ASN A 243 12.60 -3.64 -38.45
C ASN A 243 12.93 -5.00 -37.84
N PRO A 244 12.01 -5.60 -37.11
CA PRO A 244 12.35 -6.86 -36.45
C PRO A 244 11.73 -8.05 -37.15
N LYS A 245 11.30 -7.90 -38.40
CA LYS A 245 10.82 -9.10 -39.10
C LYS A 245 11.89 -9.76 -39.97
N ILE A 246 13.11 -9.19 -40.03
CA ILE A 246 14.19 -9.82 -40.78
C ILE A 246 15.48 -9.74 -39.99
N GLN A 247 16.35 -10.71 -40.21
CA GLN A 247 17.61 -10.81 -39.48
C GLN A 247 18.48 -9.59 -39.72
N LEU A 248 19.19 -9.18 -38.68
CA LEU A 248 20.16 -8.09 -38.78
C LEU A 248 21.57 -8.69 -38.83
N THR A 249 22.02 -8.98 -40.04
CA THR A 249 23.38 -9.50 -40.25
C THR A 249 24.42 -8.44 -39.92
N PHE A 250 25.63 -8.92 -39.61
CA PHE A 250 26.75 -8.02 -39.33
C PHE A 250 27.06 -7.12 -40.50
N GLU A 251 26.88 -7.63 -41.72
CA GLU A 251 27.12 -6.82 -42.91
C GLU A 251 26.15 -5.65 -42.96
N ALA A 252 24.84 -5.94 -42.81
CA ALA A 252 23.82 -4.90 -42.76
C ALA A 252 24.17 -3.81 -41.74
N THR A 253 24.59 -4.23 -40.55
CA THR A 253 24.88 -3.30 -39.47
C THR A 253 26.02 -2.36 -39.84
N LEU A 254 27.16 -2.93 -40.26
CA LEU A 254 28.33 -2.11 -40.56
C LEU A 254 28.06 -1.19 -41.73
N GLN A 255 27.33 -1.68 -42.73
CA GLN A 255 26.86 -0.85 -43.83
C GLN A 255 26.34 0.51 -43.37
N GLN A 256 25.47 0.51 -42.34
CA GLN A 256 24.71 1.71 -42.03
C GLN A 256 25.28 2.52 -40.87
N LEU A 257 26.32 2.06 -40.20
CA LEU A 257 27.15 3.00 -39.45
C LEU A 257 27.96 3.88 -40.39
N GLU A 258 28.27 5.08 -39.92
CA GLU A 258 29.23 5.94 -40.60
C GLU A 258 30.42 6.20 -39.68
N ALA A 259 31.51 6.66 -40.31
CA ALA A 259 32.69 7.09 -39.58
C ALA A 259 32.32 8.20 -38.59
N PRO A 260 33.07 8.34 -37.49
CA PRO A 260 34.23 7.52 -37.12
C PRO A 260 33.87 6.13 -36.58
N TYR A 261 32.56 5.90 -36.41
CA TYR A 261 32.07 4.71 -35.70
C TYR A 261 32.22 3.44 -36.52
N ASN A 262 32.08 3.52 -37.85
CA ASN A 262 32.28 2.34 -38.70
C ASN A 262 33.74 2.15 -39.10
N SER A 263 34.67 2.82 -38.41
CA SER A 263 36.09 2.63 -38.71
C SER A 263 36.58 1.28 -38.23
N ASP A 264 36.32 0.95 -36.97
CA ASP A 264 36.87 -0.24 -36.33
C ASP A 264 35.93 -1.42 -36.61
N THR A 265 36.32 -2.32 -37.52
CA THR A 265 35.37 -3.37 -37.88
C THR A 265 35.27 -4.46 -36.83
N VAL A 266 36.35 -4.73 -36.07
CA VAL A 266 36.24 -5.79 -35.06
C VAL A 266 35.41 -5.32 -33.87
N LEU A 267 35.48 -4.03 -33.52
CA LEU A 267 34.60 -3.52 -32.48
C LEU A 267 33.13 -3.63 -32.89
N VAL A 268 32.83 -3.43 -34.17
CA VAL A 268 31.45 -3.63 -34.62
C VAL A 268 31.12 -5.11 -34.64
N HIS A 269 32.06 -5.95 -35.08
CA HIS A 269 31.77 -7.38 -35.09
C HIS A 269 31.64 -7.93 -33.67
N ARG A 270 32.41 -7.39 -32.72
CA ARG A 270 32.26 -7.84 -31.34
C ARG A 270 30.90 -7.43 -30.78
N VAL A 271 30.54 -6.15 -30.93
CA VAL A 271 29.24 -5.67 -30.47
C VAL A 271 28.10 -6.45 -31.11
N HIS A 272 28.10 -6.56 -32.44
CA HIS A 272 27.01 -7.28 -33.09
C HIS A 272 26.92 -8.71 -32.60
N SER A 273 28.05 -9.33 -32.32
CA SER A 273 28.01 -10.74 -31.94
C SER A 273 27.42 -10.90 -30.55
N TYR A 274 28.00 -10.22 -29.56
CA TYR A 274 27.36 -9.98 -28.26
C TYR A 274 25.84 -9.79 -28.29
N LEU A 275 25.37 -8.81 -29.04
CA LEU A 275 23.93 -8.57 -29.13
C LEU A 275 23.19 -9.82 -29.59
N GLU A 276 23.59 -10.37 -30.73
CA GLU A 276 22.87 -11.49 -31.32
C GLU A 276 22.87 -12.69 -30.38
N ARG A 277 23.93 -12.80 -29.58
CA ARG A 277 24.14 -13.95 -28.72
C ARG A 277 23.19 -13.90 -27.53
N HIS A 278 23.13 -12.77 -26.85
CA HIS A 278 22.24 -12.65 -25.70
C HIS A 278 20.86 -12.16 -26.08
N GLY A 279 20.43 -12.42 -27.32
CA GLY A 279 19.05 -12.24 -27.72
C GLY A 279 18.53 -10.83 -27.65
N LEU A 280 19.39 -9.84 -27.83
CA LEU A 280 18.97 -8.45 -27.86
C LEU A 280 18.60 -8.02 -29.26
N ILE A 281 19.01 -8.79 -30.27
CA ILE A 281 18.70 -8.60 -31.68
C ILE A 281 18.55 -9.98 -32.26
N ASN A 282 17.82 -10.08 -33.37
CA ASN A 282 17.53 -11.37 -34.00
C ASN A 282 17.10 -12.40 -32.95
N PHE A 283 16.02 -12.05 -32.24
CA PHE A 283 15.29 -12.97 -31.39
C PHE A 283 13.83 -12.99 -31.82
N GLY A 284 13.14 -14.06 -31.49
CA GLY A 284 11.73 -14.19 -31.81
C GLY A 284 11.52 -14.88 -33.13
N ILE A 285 10.74 -14.25 -34.01
CA ILE A 285 10.36 -14.83 -35.28
C ILE A 285 10.77 -13.85 -36.37
N TYR A 286 11.97 -14.04 -36.90
CA TYR A 286 12.53 -13.21 -37.96
C TYR A 286 12.86 -14.09 -39.15
N LYS A 287 12.65 -13.56 -40.35
CA LYS A 287 13.21 -14.19 -41.55
C LYS A 287 14.73 -14.19 -41.49
N ARG A 288 15.29 -15.31 -41.89
CA ARG A 288 16.73 -15.54 -41.84
C ARG A 288 17.35 -15.18 -43.18
N ILE A 289 18.35 -14.30 -43.16
CA ILE A 289 19.12 -14.03 -44.37
C ILE A 289 20.06 -15.20 -44.63
N LYS A 290 21.12 -15.33 -43.81
CA LYS A 290 22.06 -16.44 -43.79
C LYS A 290 21.36 -17.72 -43.35
N PRO A 291 20.91 -18.62 -44.25
CA PRO A 291 20.19 -19.81 -43.79
C PRO A 291 21.10 -20.71 -42.97
N LEU A 292 20.48 -21.42 -42.02
CA LEU A 292 21.19 -22.08 -40.92
C LEU A 292 22.22 -23.08 -41.44
N PRO A 293 23.34 -23.28 -40.73
CA PRO A 293 24.32 -24.28 -41.14
C PRO A 293 23.74 -25.70 -41.19
N THR A 294 24.24 -26.46 -42.16
CA THR A 294 23.75 -27.80 -42.44
C THR A 294 24.06 -28.76 -41.30
N LYS A 295 25.27 -28.67 -40.76
CA LYS A 295 25.70 -29.51 -39.66
C LYS A 295 25.66 -28.71 -38.36
N LYS A 296 25.26 -29.41 -37.30
CA LYS A 296 24.85 -28.78 -36.06
C LYS A 296 25.76 -29.20 -34.92
N THR A 297 26.10 -28.28 -34.06
CA THR A 297 27.00 -28.58 -32.97
C THR A 297 26.25 -28.78 -31.67
N GLY A 298 26.65 -29.79 -30.90
CA GLY A 298 26.12 -30.03 -29.57
C GLY A 298 24.63 -30.38 -29.52
N LYS A 299 24.15 -30.97 -28.41
CA LYS A 299 22.75 -31.37 -28.30
C LYS A 299 22.14 -30.95 -26.95
N VAL A 300 21.00 -30.24 -27.01
CA VAL A 300 20.32 -29.72 -25.82
C VAL A 300 18.90 -30.27 -25.75
N ILE A 301 18.57 -30.86 -24.60
CA ILE A 301 17.20 -31.20 -24.22
C ILE A 301 16.63 -30.11 -23.35
N ILE A 302 15.40 -29.69 -23.66
CA ILE A 302 14.71 -28.61 -22.96
C ILE A 302 13.40 -29.13 -22.37
N ILE A 303 13.32 -29.13 -21.05
CA ILE A 303 12.11 -29.57 -20.36
C ILE A 303 11.14 -28.40 -20.35
N GLY A 304 10.01 -28.57 -21.01
CA GLY A 304 8.96 -27.57 -21.00
C GLY A 304 8.86 -26.80 -22.30
N SER A 305 7.67 -26.82 -22.91
CA SER A 305 7.41 -25.99 -24.07
C SER A 305 6.71 -24.68 -23.68
N GLY A 306 6.84 -24.28 -22.41
CA GLY A 306 6.41 -22.98 -22.00
C GLY A 306 7.13 -21.88 -22.78
N VAL A 307 6.76 -20.64 -22.49
CA VAL A 307 7.30 -19.53 -23.25
C VAL A 307 8.80 -19.41 -23.03
N SER A 308 9.29 -19.71 -21.81
CA SER A 308 10.73 -19.66 -21.61
C SER A 308 11.40 -20.77 -22.41
N GLY A 309 10.82 -21.98 -22.34
CA GLY A 309 11.35 -23.08 -23.14
C GLY A 309 11.45 -22.71 -24.61
N LEU A 310 10.33 -22.28 -25.20
CA LEU A 310 10.34 -21.98 -26.63
C LEU A 310 11.34 -20.89 -26.95
N ALA A 311 11.48 -19.92 -26.07
CA ALA A 311 12.36 -18.80 -26.38
C ALA A 311 13.82 -19.24 -26.45
N ALA A 312 14.21 -20.20 -25.60
CA ALA A 312 15.58 -20.71 -25.65
C ALA A 312 15.76 -21.65 -26.84
N ALA A 313 14.94 -22.70 -26.92
CA ALA A 313 14.91 -23.59 -28.08
C ALA A 313 15.02 -22.82 -29.37
N ARG A 314 14.20 -21.80 -29.50
CA ARG A 314 14.18 -21.00 -30.73
C ARG A 314 15.52 -20.29 -30.98
N GLN A 315 16.21 -19.81 -29.92
CA GLN A 315 17.55 -19.20 -30.04
C GLN A 315 18.65 -20.22 -30.23
N LEU A 316 18.57 -21.36 -29.55
CA LEU A 316 19.63 -22.36 -29.66
C LEU A 316 19.69 -22.91 -31.08
N GLN A 317 18.55 -23.38 -31.60
CA GLN A 317 18.47 -23.72 -33.01
C GLN A 317 18.94 -22.56 -33.89
N SER A 318 18.62 -21.32 -33.51
CA SER A 318 19.13 -20.16 -34.23
C SER A 318 20.66 -20.11 -34.24
N PHE A 319 21.31 -20.78 -33.30
CA PHE A 319 22.76 -20.72 -33.15
C PHE A 319 23.45 -21.95 -33.73
N GLY A 320 22.70 -22.83 -34.40
CA GLY A 320 23.21 -24.07 -34.94
C GLY A 320 23.38 -25.12 -33.86
N MET A 321 22.34 -25.40 -33.10
CA MET A 321 22.43 -26.47 -32.13
C MET A 321 21.29 -27.42 -32.36
N ASP A 322 21.41 -28.58 -31.74
CA ASP A 322 20.38 -29.59 -31.80
C ASP A 322 19.52 -29.45 -30.55
N VAL A 323 18.23 -29.16 -30.75
CA VAL A 323 17.37 -28.82 -29.63
C VAL A 323 16.08 -29.62 -29.70
N THR A 324 15.82 -30.40 -28.66
CA THR A 324 14.54 -31.05 -28.50
C THR A 324 13.85 -30.62 -27.21
N LEU A 325 12.55 -30.37 -27.32
CA LEU A 325 11.66 -29.90 -26.28
C LEU A 325 10.78 -31.05 -25.81
N LEU A 326 10.73 -31.25 -24.50
CA LEU A 326 9.89 -32.31 -23.91
C LEU A 326 8.69 -31.65 -23.27
N GLU A 327 7.51 -32.18 -23.52
CA GLU A 327 6.26 -31.52 -23.15
C GLU A 327 5.28 -32.46 -22.45
N ALA A 328 4.91 -32.20 -21.22
CA ALA A 328 3.94 -33.09 -20.54
C ALA A 328 2.56 -32.88 -21.13
N ARG A 329 2.21 -31.64 -21.46
CA ARG A 329 0.91 -31.31 -22.03
C ARG A 329 0.84 -31.76 -23.48
N ASP A 330 -0.39 -31.78 -23.99
CA ASP A 330 -0.67 -31.94 -25.40
C ASP A 330 -0.71 -30.61 -26.15
N ARG A 331 -0.06 -29.58 -25.63
CA ARG A 331 -0.01 -28.30 -26.32
C ARG A 331 1.18 -27.52 -25.81
N VAL A 332 1.68 -26.62 -26.65
CA VAL A 332 2.72 -25.68 -26.25
C VAL A 332 2.16 -24.61 -25.30
N GLY A 333 2.97 -23.63 -24.92
CA GLY A 333 2.48 -22.46 -24.18
C GLY A 333 2.49 -22.54 -22.66
N GLY A 334 2.23 -23.71 -22.11
CA GLY A 334 2.25 -23.81 -20.66
C GLY A 334 1.19 -22.93 -20.05
N ARG A 335 1.61 -22.10 -19.09
CA ARG A 335 0.75 -21.15 -18.39
C ARG A 335 0.28 -20.01 -19.33
N VAL A 336 0.52 -20.07 -20.63
CA VAL A 336 -0.17 -19.25 -21.61
C VAL A 336 -1.20 -20.17 -22.27
N ALA A 337 -2.31 -20.36 -21.58
CA ALA A 337 -3.46 -21.13 -22.02
C ALA A 337 -4.47 -20.21 -22.69
N THR A 338 -5.18 -20.74 -23.67
CA THR A 338 -6.21 -20.01 -24.41
C THR A 338 -7.38 -20.92 -24.68
N PHE A 339 -8.53 -20.58 -24.12
CA PHE A 339 -9.77 -21.25 -24.50
C PHE A 339 -10.18 -20.83 -25.90
N ARG A 340 -10.63 -21.81 -26.71
CA ARG A 340 -11.22 -21.53 -28.02
C ARG A 340 -12.31 -22.55 -28.28
N LYS A 341 -13.55 -22.08 -28.42
CA LYS A 341 -14.58 -22.88 -29.04
C LYS A 341 -15.47 -21.96 -29.86
N GLY A 342 -15.82 -22.41 -31.06
CA GLY A 342 -16.44 -21.58 -32.06
C GLY A 342 -15.71 -20.27 -32.25
N ASN A 343 -16.37 -19.15 -31.94
CA ASN A 343 -15.76 -17.82 -31.98
C ASN A 343 -15.45 -17.29 -30.58
N TYR A 344 -15.77 -18.07 -29.54
CA TYR A 344 -15.40 -17.70 -28.18
C TYR A 344 -13.90 -17.92 -27.98
N VAL A 345 -13.23 -16.92 -27.39
CA VAL A 345 -11.78 -16.93 -27.17
C VAL A 345 -11.50 -16.27 -25.83
N ALA A 346 -10.69 -16.92 -24.99
CA ALA A 346 -10.46 -16.38 -23.66
C ALA A 346 -9.27 -17.03 -22.94
N ASP A 347 -8.24 -16.25 -22.59
CA ASP A 347 -7.07 -16.83 -21.93
C ASP A 347 -7.39 -17.19 -20.48
N LEU A 348 -7.19 -18.47 -20.15
CA LEU A 348 -7.13 -18.97 -18.80
C LEU A 348 -5.79 -18.70 -18.14
N GLY A 349 -4.79 -18.24 -18.92
CA GLY A 349 -3.46 -18.01 -18.42
C GLY A 349 -3.13 -16.54 -18.43
N ALA A 350 -1.92 -16.17 -18.84
CA ALA A 350 -1.67 -14.77 -19.06
C ALA A 350 -2.62 -14.21 -20.11
N MET A 351 -3.00 -12.94 -19.92
CA MET A 351 -3.86 -12.19 -20.83
C MET A 351 -3.48 -10.73 -20.98
N VAL A 352 -2.62 -10.20 -20.13
CA VAL A 352 -2.27 -8.78 -20.18
C VAL A 352 -0.81 -8.62 -20.55
N VAL A 353 -0.55 -7.84 -21.60
CA VAL A 353 0.79 -7.35 -21.89
C VAL A 353 0.97 -6.08 -21.05
N THR A 354 1.90 -6.10 -20.10
CA THR A 354 1.98 -4.97 -19.19
C THR A 354 2.74 -3.80 -19.81
N GLY A 355 2.39 -3.44 -21.04
CA GLY A 355 2.73 -2.12 -21.56
C GLY A 355 4.07 -2.04 -22.24
N LEU A 356 4.13 -1.45 -23.44
CA LEU A 356 5.20 -1.74 -24.39
C LEU A 356 6.45 -0.88 -24.21
N GLY A 357 6.59 -0.19 -23.09
CA GLY A 357 7.75 0.66 -22.93
C GLY A 357 8.95 -0.09 -22.41
N GLY A 358 9.75 -0.63 -23.33
CA GLY A 358 10.85 -1.49 -22.95
C GLY A 358 10.48 -2.95 -22.81
N ASN A 359 9.39 -3.38 -23.43
CA ASN A 359 8.88 -4.71 -23.25
C ASN A 359 9.31 -5.55 -24.44
N PRO A 360 10.07 -6.64 -24.24
CA PRO A 360 10.40 -7.50 -25.38
C PRO A 360 9.19 -7.98 -26.11
N MET A 361 8.06 -8.10 -25.42
CA MET A 361 6.81 -8.49 -26.10
C MET A 361 6.43 -7.50 -27.18
N ALA A 362 6.79 -6.23 -27.00
CA ALA A 362 6.55 -5.21 -28.03
C ALA A 362 7.12 -5.63 -29.37
N VAL A 363 8.34 -6.19 -29.37
CA VAL A 363 8.98 -6.68 -30.60
C VAL A 363 8.20 -7.86 -31.17
N VAL A 364 7.87 -8.83 -30.32
CA VAL A 364 7.15 -10.03 -30.77
C VAL A 364 5.87 -9.65 -31.49
N SER A 365 5.15 -8.66 -30.96
CA SER A 365 3.83 -8.30 -31.49
C SER A 365 3.94 -7.71 -32.89
N LYS A 366 5.06 -7.06 -33.20
CA LYS A 366 5.30 -6.66 -34.58
C LYS A 366 5.56 -7.90 -35.43
N GLN A 367 6.36 -8.84 -34.91
CA GLN A 367 6.71 -10.07 -35.64
C GLN A 367 5.48 -10.92 -35.85
N VAL A 368 4.77 -11.23 -34.77
CA VAL A 368 3.57 -12.05 -34.79
C VAL A 368 2.34 -11.16 -34.84
N ASN A 369 1.41 -11.51 -35.73
CA ASN A 369 0.03 -11.02 -35.64
C ASN A 369 -0.52 -11.04 -34.21
N MET A 370 -0.63 -9.87 -33.57
CA MET A 370 -1.35 -9.82 -32.31
C MET A 370 -2.33 -8.66 -32.36
N GLU A 371 -3.61 -8.94 -32.07
CA GLU A 371 -4.62 -7.89 -31.95
C GLU A 371 -4.55 -7.37 -30.52
N LEU A 372 -3.76 -6.30 -30.33
CA LEU A 372 -3.56 -5.70 -29.00
C LEU A 372 -4.50 -4.52 -28.76
N ALA A 373 -5.36 -4.66 -27.74
CA ALA A 373 -6.38 -3.67 -27.41
C ALA A 373 -6.10 -3.08 -26.03
N LYS A 374 -6.10 -1.74 -25.94
CA LYS A 374 -5.84 -1.09 -24.66
C LYS A 374 -6.96 -1.37 -23.65
N ILE A 375 -6.59 -1.38 -22.38
CA ILE A 375 -7.49 -1.67 -21.27
C ILE A 375 -7.85 -0.35 -20.61
N LYS A 376 -9.13 0.04 -20.69
CA LYS A 376 -9.59 1.27 -20.05
C LYS A 376 -9.70 1.07 -18.55
N GLN A 377 -9.02 1.92 -17.79
CA GLN A 377 -8.64 1.58 -16.42
C GLN A 377 -9.81 1.75 -15.43
N LYS A 378 -10.98 2.25 -15.87
CA LYS A 378 -12.09 2.59 -14.98
C LYS A 378 -12.79 1.36 -14.42
N CYS A 379 -12.89 1.27 -13.09
CA CYS A 379 -13.48 0.10 -12.44
C CYS A 379 -14.58 0.47 -11.45
N PRO A 380 -15.84 0.35 -11.85
CA PRO A 380 -16.96 0.57 -10.92
C PRO A 380 -17.13 -0.55 -9.91
N LEU A 381 -17.20 -0.22 -8.63
CA LEU A 381 -17.45 -1.22 -7.59
C LEU A 381 -18.95 -1.36 -7.31
N TYR A 382 -19.35 -2.55 -6.83
CA TYR A 382 -20.75 -2.88 -6.64
C TYR A 382 -20.83 -3.76 -5.42
N GLU A 383 -21.50 -3.29 -4.37
CA GLU A 383 -21.50 -3.96 -3.08
C GLU A 383 -22.20 -5.31 -3.17
N ALA A 384 -22.31 -5.98 -2.02
CA ALA A 384 -22.97 -7.28 -1.98
C ALA A 384 -24.42 -7.20 -2.42
N ASN A 385 -25.11 -6.09 -2.09
CA ASN A 385 -26.51 -5.91 -2.44
C ASN A 385 -26.72 -5.82 -3.96
N GLY A 386 -25.84 -5.11 -4.66
CA GLY A 386 -25.95 -4.94 -6.09
C GLY A 386 -25.88 -3.48 -6.51
N GLN A 387 -25.61 -2.61 -5.53
CA GLN A 387 -25.70 -1.17 -5.71
C GLN A 387 -24.30 -0.61 -5.87
N ALA A 388 -24.11 0.23 -6.88
CA ALA A 388 -22.83 0.88 -7.08
C ALA A 388 -22.37 1.58 -5.81
N VAL A 389 -21.06 1.60 -5.60
CA VAL A 389 -20.51 2.37 -4.50
C VAL A 389 -20.49 3.81 -5.00
N PRO A 390 -20.86 4.78 -4.16
CA PRO A 390 -20.90 6.18 -4.62
C PRO A 390 -19.50 6.75 -4.77
N LYS A 391 -19.28 7.47 -5.87
CA LYS A 391 -18.04 8.19 -6.14
C LYS A 391 -17.40 8.76 -4.87
N GLU A 392 -18.21 9.14 -3.88
CA GLU A 392 -17.67 9.63 -2.62
C GLU A 392 -16.82 8.56 -1.94
N LYS A 393 -17.44 7.40 -1.66
CA LYS A 393 -16.78 6.30 -0.98
C LYS A 393 -15.63 5.76 -1.82
N ASP A 394 -15.90 5.55 -3.11
CA ASP A 394 -15.02 4.78 -3.96
C ASP A 394 -13.68 5.50 -4.10
N GLU A 395 -13.69 6.82 -4.00
CA GLU A 395 -12.43 7.56 -3.90
C GLU A 395 -11.88 7.53 -2.49
N MET A 396 -12.75 7.54 -1.47
CA MET A 396 -12.25 7.75 -0.13
C MET A 396 -11.43 6.55 0.32
N VAL A 397 -11.98 5.35 0.13
CA VAL A 397 -11.29 4.11 0.52
C VAL A 397 -10.03 3.94 -0.29
N GLU A 398 -10.12 4.12 -1.61
CA GLU A 398 -8.96 3.89 -2.45
C GLU A 398 -7.77 4.75 -2.02
N GLN A 399 -7.97 6.05 -1.77
CA GLN A 399 -6.88 6.83 -1.20
C GLN A 399 -6.40 6.28 0.13
N GLU A 400 -7.31 5.73 0.93
CA GLU A 400 -6.90 5.21 2.23
C GLU A 400 -6.10 3.92 2.04
N PHE A 401 -6.56 3.08 1.12
CA PHE A 401 -5.80 1.92 0.68
C PHE A 401 -4.38 2.34 0.30
N ASN A 402 -4.27 3.22 -0.71
CA ASN A 402 -2.97 3.67 -1.17
C ASN A 402 -2.17 4.25 -0.02
N ARG A 403 -2.84 4.87 0.94
CA ARG A 403 -2.14 5.51 2.05
C ARG A 403 -1.58 4.45 2.99
N LEU A 404 -2.35 3.38 3.21
CA LEU A 404 -1.90 2.32 4.12
C LEU A 404 -0.72 1.55 3.53
N LEU A 405 -0.71 1.34 2.22
CA LEU A 405 0.43 0.72 1.58
C LEU A 405 1.72 1.48 1.88
N GLU A 406 1.78 2.78 1.49
CA GLU A 406 2.92 3.61 1.83
C GLU A 406 3.27 3.55 3.31
N ALA A 407 2.26 3.40 4.17
CA ALA A 407 2.51 3.29 5.60
C ALA A 407 3.35 2.06 5.92
N THR A 408 2.98 0.91 5.36
CA THR A 408 3.80 -0.29 5.50
C THR A 408 5.20 -0.05 4.97
N SER A 409 5.31 0.63 3.82
CA SER A 409 6.62 0.86 3.23
C SER A 409 7.50 1.70 4.14
N TYR A 410 6.90 2.70 4.80
CA TYR A 410 7.64 3.48 5.77
C TYR A 410 8.00 2.63 7.00
N LEU A 411 7.06 1.81 7.49
CA LEU A 411 7.41 0.83 8.52
C LEU A 411 8.57 -0.04 8.08
N SER A 412 8.62 -0.39 6.81
CA SER A 412 9.63 -1.31 6.31
C SER A 412 11.01 -0.66 6.34
N HIS A 413 11.19 0.41 5.58
CA HIS A 413 12.52 0.94 5.32
C HIS A 413 12.99 1.95 6.37
N GLN A 414 12.06 2.74 6.93
CA GLN A 414 12.38 3.84 7.84
C GLN A 414 12.42 3.40 9.31
N LEU A 415 11.48 2.59 9.74
CA LEU A 415 11.45 2.07 11.11
C LEU A 415 12.05 0.68 11.23
N ASP A 416 12.54 0.12 10.11
CA ASP A 416 13.19 -1.20 10.02
C ASP A 416 12.35 -2.28 10.73
N PHE A 417 11.05 -2.23 10.47
CA PHE A 417 10.09 -3.16 11.08
C PHE A 417 9.99 -4.42 10.22
N ASN A 418 11.02 -5.27 10.30
CA ASN A 418 11.09 -6.40 9.39
C ASN A 418 11.24 -7.76 10.07
N VAL A 419 11.25 -7.82 11.39
CA VAL A 419 11.25 -9.08 12.14
C VAL A 419 10.32 -8.90 13.34
N LEU A 420 9.67 -10.00 13.75
CA LEU A 420 8.71 -9.93 14.85
C LEU A 420 8.44 -11.34 15.37
N ASN A 421 8.83 -11.59 16.62
CA ASN A 421 8.82 -12.92 17.23
C ASN A 421 9.75 -13.85 16.48
N ASN A 422 10.89 -13.31 16.06
CA ASN A 422 11.96 -14.06 15.40
C ASN A 422 11.52 -14.61 14.04
N LYS A 423 10.54 -13.98 13.40
CA LYS A 423 10.01 -14.39 12.12
C LYS A 423 9.97 -13.17 11.22
N PRO A 424 10.03 -13.32 9.89
CA PRO A 424 9.95 -12.15 9.03
C PRO A 424 8.53 -11.61 8.96
N VAL A 425 8.43 -10.30 8.87
CA VAL A 425 7.14 -9.63 8.82
C VAL A 425 6.57 -9.74 7.43
N SER A 426 5.27 -10.03 7.34
CA SER A 426 4.62 -10.13 6.05
C SER A 426 3.89 -8.81 5.73
N LEU A 427 3.55 -8.63 4.46
CA LEU A 427 2.84 -7.42 4.06
C LEU A 427 1.52 -7.30 4.81
N GLY A 428 0.65 -8.31 4.68
CA GLY A 428 -0.64 -8.27 5.37
C GLY A 428 -0.50 -8.09 6.88
N GLN A 429 0.47 -8.78 7.47
CA GLN A 429 0.74 -8.63 8.89
C GLN A 429 1.00 -7.18 9.26
N ALA A 430 1.73 -6.44 8.42
CA ALA A 430 2.02 -5.03 8.70
C ALA A 430 0.89 -4.11 8.29
N LEU A 431 0.15 -4.43 7.23
CA LEU A 431 -1.08 -3.67 6.97
C LEU A 431 -2.02 -3.72 8.17
N GLU A 432 -2.04 -4.84 8.88
CA GLU A 432 -2.96 -4.91 10.00
C GLU A 432 -2.44 -4.06 11.15
N VAL A 433 -1.14 -4.13 11.45
CA VAL A 433 -0.54 -3.24 12.45
C VAL A 433 -0.74 -1.78 12.11
N VAL A 434 -0.78 -1.44 10.82
CA VAL A 434 -1.01 -0.04 10.45
C VAL A 434 -2.48 0.33 10.62
N ILE A 435 -3.41 -0.55 10.24
CA ILE A 435 -4.82 -0.25 10.52
C ILE A 435 -5.07 -0.16 12.01
N GLN A 436 -4.46 -1.03 12.82
CA GLN A 436 -4.64 -0.89 14.26
C GLN A 436 -4.16 0.46 14.75
N LEU A 437 -2.93 0.85 14.41
CA LEU A 437 -2.43 2.14 14.86
C LEU A 437 -3.24 3.32 14.33
N GLN A 438 -4.07 3.15 13.30
CA GLN A 438 -4.99 4.21 12.94
C GLN A 438 -6.28 4.13 13.74
N GLU A 439 -6.72 2.91 14.08
CA GLU A 439 -7.84 2.77 15.00
C GLU A 439 -7.46 3.24 16.41
N LYS A 440 -6.23 2.97 16.85
CA LYS A 440 -5.73 3.56 18.08
C LYS A 440 -5.75 5.07 18.02
N HIS A 441 -5.34 5.66 16.90
CA HIS A 441 -5.30 7.12 16.85
C HIS A 441 -6.68 7.73 17.00
N VAL A 442 -7.69 7.20 16.28
CA VAL A 442 -9.05 7.72 16.40
C VAL A 442 -9.54 7.72 17.85
N LYS A 443 -9.12 6.75 18.65
CA LYS A 443 -9.57 6.70 20.04
C LYS A 443 -8.83 7.72 20.89
N ASP A 444 -7.49 7.77 20.82
CA ASP A 444 -6.78 8.80 21.56
C ASP A 444 -7.27 10.20 21.23
N GLU A 445 -7.97 10.36 20.11
CA GLU A 445 -8.35 11.66 19.57
C GLU A 445 -9.69 12.07 20.16
N GLN A 446 -10.58 11.10 20.35
CA GLN A 446 -11.81 11.31 21.10
C GLN A 446 -11.52 11.48 22.59
N ILE A 447 -10.61 10.66 23.14
CA ILE A 447 -10.28 10.83 24.55
C ILE A 447 -9.76 12.22 24.86
N GLU A 448 -8.82 12.77 24.06
CA GLU A 448 -8.35 14.08 24.53
C GLU A 448 -9.39 15.17 24.27
N HIS A 449 -10.36 14.93 23.38
CA HIS A 449 -11.38 15.94 23.09
C HIS A 449 -12.45 15.96 24.17
N TRP A 450 -13.08 14.81 24.44
CA TRP A 450 -13.99 14.74 25.58
C TRP A 450 -13.30 15.13 26.88
N LYS A 451 -11.98 14.97 26.97
CA LYS A 451 -11.27 15.36 28.18
C LYS A 451 -11.05 16.87 28.23
N LYS A 452 -11.12 17.57 27.09
CA LYS A 452 -11.26 19.03 27.10
C LYS A 452 -12.62 19.47 27.56
N ILE A 453 -13.62 18.61 27.44
CA ILE A 453 -14.93 19.01 27.91
C ILE A 453 -15.02 18.86 29.43
N VAL A 454 -14.57 17.74 30.01
CA VAL A 454 -14.48 17.67 31.49
C VAL A 454 -13.58 18.75 32.06
N LYS A 455 -12.53 19.16 31.34
CA LYS A 455 -11.64 20.19 31.84
C LYS A 455 -12.28 21.56 31.78
N THR A 456 -13.43 21.66 31.13
CA THR A 456 -14.13 22.92 31.12
C THR A 456 -15.46 22.83 31.85
N GLN A 457 -16.15 21.69 31.77
CA GLN A 457 -17.24 21.42 32.70
C GLN A 457 -16.81 21.67 34.14
N GLU A 458 -15.64 21.16 34.56
CA GLU A 458 -15.33 21.45 35.95
C GLU A 458 -14.79 22.85 36.20
N GLU A 459 -14.38 23.62 35.18
CA GLU A 459 -14.21 25.05 35.39
C GLU A 459 -15.56 25.70 35.70
N LEU A 460 -16.59 25.27 35.00
CA LEU A 460 -17.93 25.78 35.25
C LEU A 460 -18.47 25.32 36.60
N LYS A 461 -18.18 24.08 37.00
CA LYS A 461 -18.57 23.61 38.33
C LYS A 461 -18.03 24.55 39.39
N GLU A 462 -16.72 24.84 39.34
CA GLU A 462 -16.14 25.74 40.32
C GLU A 462 -16.68 27.15 40.18
N LEU A 463 -17.09 27.53 38.97
CA LEU A 463 -17.53 28.90 38.76
C LEU A 463 -18.95 29.10 39.29
N LEU A 464 -19.83 28.12 39.03
CA LEU A 464 -21.16 28.19 39.62
C LEU A 464 -21.09 28.13 41.15
N ASN A 465 -20.15 27.39 41.71
CA ASN A 465 -20.08 27.30 43.17
C ASN A 465 -19.72 28.64 43.79
N LYS A 466 -18.81 29.42 43.16
CA LYS A 466 -18.61 30.80 43.61
C LYS A 466 -19.90 31.60 43.44
N MET A 467 -20.52 31.47 42.27
CA MET A 467 -21.70 32.26 41.97
C MET A 467 -22.88 31.93 42.89
N VAL A 468 -22.97 30.70 43.40
CA VAL A 468 -24.09 30.43 44.30
C VAL A 468 -23.76 30.91 45.71
N ASN A 469 -22.51 30.78 46.15
CA ASN A 469 -22.15 31.31 47.45
C ASN A 469 -22.02 32.82 47.44
N LEU A 470 -21.98 33.44 46.27
CA LEU A 470 -21.88 34.88 46.22
C LEU A 470 -23.27 35.51 46.23
N LYS A 471 -24.22 34.89 45.50
CA LYS A 471 -25.61 35.27 45.67
C LYS A 471 -26.06 35.09 47.11
N GLU A 472 -25.44 34.19 47.86
CA GLU A 472 -25.93 34.04 49.23
C GLU A 472 -25.39 35.14 50.14
N LYS A 473 -24.17 35.61 49.88
CA LYS A 473 -23.69 36.80 50.58
C LYS A 473 -24.49 38.02 50.17
N ILE A 474 -24.82 38.13 48.88
CA ILE A 474 -25.58 39.29 48.43
C ILE A 474 -26.97 39.29 49.05
N LYS A 475 -27.62 38.12 49.11
CA LYS A 475 -28.94 37.98 49.72
C LYS A 475 -28.94 38.45 51.17
N GLU A 476 -27.82 38.29 51.88
CA GLU A 476 -27.72 38.66 53.28
C GLU A 476 -27.42 40.14 53.46
N LEU A 477 -26.45 40.71 52.72
CA LEU A 477 -26.19 42.14 52.88
C LEU A 477 -27.38 42.99 52.46
N HIS A 478 -28.07 42.60 51.38
CA HIS A 478 -29.26 43.35 51.02
C HIS A 478 -30.22 43.46 52.19
N GLN A 479 -30.42 42.35 52.91
CA GLN A 479 -31.19 42.38 54.14
C GLN A 479 -30.58 43.34 55.14
N GLN A 480 -29.28 43.21 55.39
CA GLN A 480 -28.63 44.09 56.35
C GLN A 480 -28.70 45.56 55.94
N TYR A 481 -28.47 45.86 54.67
CA TYR A 481 -28.60 47.24 54.23
C TYR A 481 -30.04 47.71 54.31
N LYS A 482 -31.00 46.81 54.10
CA LYS A 482 -32.40 47.21 54.25
C LYS A 482 -32.69 47.64 55.68
N GLU A 483 -32.35 46.80 56.66
CA GLU A 483 -32.55 47.11 58.06
C GLU A 483 -31.84 48.40 58.48
N ALA A 484 -30.62 48.62 57.99
CA ALA A 484 -29.90 49.83 58.38
C ALA A 484 -30.44 51.07 57.70
N SER A 485 -31.13 50.90 56.59
CA SER A 485 -31.81 52.01 55.96
C SER A 485 -33.19 52.24 56.57
N GLU A 486 -33.75 51.22 57.23
CA GLU A 486 -35.04 51.34 57.92
C GLU A 486 -34.96 52.34 59.07
N VAL A 487 -33.80 52.47 59.74
CA VAL A 487 -33.61 53.46 60.79
C VAL A 487 -33.85 54.86 60.25
N LYS A 488 -34.81 55.56 60.85
CA LYS A 488 -35.25 56.85 60.33
C LYS A 488 -34.32 57.96 60.76
N PRO A 489 -34.00 58.85 59.83
CA PRO A 489 -33.19 59.99 60.11
C PRO A 489 -33.88 60.95 61.05
N PRO A 490 -33.16 61.93 61.62
CA PRO A 490 -31.72 62.11 61.37
C PRO A 490 -30.93 61.13 62.24
N ARG A 491 -29.89 60.54 61.66
CA ARG A 491 -29.12 59.47 62.28
C ARG A 491 -27.85 60.03 62.91
N ASP A 492 -27.30 59.29 63.88
CA ASP A 492 -25.94 59.69 64.26
C ASP A 492 -24.98 59.08 63.26
N ILE A 493 -23.68 59.36 63.39
CA ILE A 493 -22.87 59.14 62.21
C ILE A 493 -22.48 57.67 62.06
N THR A 494 -22.29 56.93 63.15
CA THR A 494 -22.03 55.49 63.02
C THR A 494 -23.20 54.79 62.34
N ALA A 495 -24.44 55.14 62.69
CA ALA A 495 -25.59 54.56 62.03
C ALA A 495 -25.71 54.99 60.58
N GLU A 496 -25.09 56.12 60.21
CA GLU A 496 -25.16 56.60 58.84
C GLU A 496 -24.04 55.99 58.02
N PHE A 497 -22.88 55.81 58.64
CA PHE A 497 -21.79 55.04 58.05
C PHE A 497 -22.22 53.62 57.75
N LEU A 498 -23.07 53.05 58.62
CA LEU A 498 -23.55 51.69 58.40
C LEU A 498 -24.40 51.58 57.14
N VAL A 499 -25.20 52.59 56.81
CA VAL A 499 -25.96 52.53 55.57
C VAL A 499 -25.02 52.63 54.38
N LYS A 500 -24.17 53.67 54.37
CA LYS A 500 -23.21 53.86 53.30
C LYS A 500 -22.30 52.64 53.15
N SER A 501 -21.80 52.12 54.27
CA SER A 501 -20.90 50.97 54.24
C SER A 501 -21.57 49.75 53.58
N LYS A 502 -22.64 49.23 54.18
CA LYS A 502 -23.36 48.13 53.54
C LYS A 502 -23.68 48.41 52.08
N HIS A 503 -23.89 49.68 51.71
CA HIS A 503 -24.12 50.02 50.31
C HIS A 503 -22.89 49.80 49.45
N ARG A 504 -21.76 50.37 49.85
CA ARG A 504 -20.52 50.07 49.17
C ARG A 504 -20.33 48.56 49.04
N ASP A 505 -20.48 47.84 50.16
CA ASP A 505 -20.18 46.42 50.20
C ASP A 505 -21.12 45.61 49.32
N LEU A 506 -22.34 46.10 49.09
CA LEU A 506 -23.23 45.38 48.19
C LEU A 506 -22.90 45.66 46.74
N THR A 507 -22.52 46.90 46.43
CA THR A 507 -22.05 47.22 45.08
C THR A 507 -20.76 46.48 44.76
N ALA A 508 -19.91 46.25 45.77
CA ALA A 508 -18.71 45.45 45.57
C ALA A 508 -19.05 44.01 45.19
N LEU A 509 -19.84 43.32 46.03
CA LEU A 509 -20.23 41.96 45.68
C LEU A 509 -21.17 41.91 44.48
N CYS A 510 -21.66 43.04 43.98
CA CYS A 510 -22.43 42.98 42.76
C CYS A 510 -21.56 43.10 41.51
N LYS A 511 -20.40 43.76 41.60
CA LYS A 511 -19.42 43.62 40.52
C LYS A 511 -18.95 42.18 40.40
N GLU A 512 -18.50 41.60 41.50
CA GLU A 512 -17.99 40.23 41.50
C GLU A 512 -18.96 39.26 40.81
N TYR A 513 -20.22 39.26 41.21
CA TYR A 513 -21.20 38.36 40.60
C TYR A 513 -21.47 38.72 39.14
N ASP A 514 -21.30 39.98 38.76
CA ASP A 514 -21.50 40.30 37.35
C ASP A 514 -20.31 39.85 36.52
N GLU A 515 -19.10 40.03 37.04
CA GLU A 515 -17.88 39.50 36.41
C GLU A 515 -17.95 37.98 36.29
N LEU A 516 -18.55 37.30 37.26
CA LEU A 516 -18.56 35.84 37.23
C LEU A 516 -19.61 35.25 36.31
N ALA A 517 -20.66 35.99 35.95
CA ALA A 517 -21.53 35.51 34.89
C ALA A 517 -21.17 36.08 33.54
N GLU A 518 -20.21 37.02 33.52
CA GLU A 518 -19.41 37.28 32.32
C GLU A 518 -18.58 36.04 31.96
N THR A 519 -17.68 35.64 32.86
CA THR A 519 -16.88 34.43 32.68
C THR A 519 -17.73 33.19 32.42
N GLN A 520 -18.88 33.07 33.09
CA GLN A 520 -19.80 31.97 32.79
C GLN A 520 -20.34 32.03 31.36
N GLY A 521 -20.28 33.20 30.73
CA GLY A 521 -20.69 33.28 29.35
C GLY A 521 -19.65 32.67 28.42
N LYS A 522 -18.37 32.93 28.69
CA LYS A 522 -17.30 32.36 27.88
C LYS A 522 -17.27 30.83 27.98
N LEU A 523 -17.60 30.27 29.15
CA LEU A 523 -17.48 28.83 29.27
C LEU A 523 -18.72 28.10 28.75
N GLU A 524 -19.90 28.71 28.79
CA GLU A 524 -21.01 28.05 28.12
C GLU A 524 -20.92 28.17 26.60
N GLU A 525 -20.07 29.04 26.07
CA GLU A 525 -19.90 29.05 24.63
C GLU A 525 -18.80 28.09 24.19
N LYS A 526 -17.68 28.01 24.93
CA LYS A 526 -16.67 27.00 24.63
C LYS A 526 -17.23 25.58 24.70
N LEU A 527 -18.17 25.30 25.60
CA LEU A 527 -18.84 23.99 25.63
C LEU A 527 -19.82 23.76 24.50
N GLN A 528 -20.24 24.80 23.80
CA GLN A 528 -21.01 24.57 22.59
C GLN A 528 -20.08 24.33 21.42
N GLU A 529 -18.94 25.03 21.42
CA GLU A 529 -17.81 24.80 20.54
C GLU A 529 -17.42 23.33 20.52
N LEU A 530 -16.83 22.84 21.61
CA LEU A 530 -16.31 21.49 21.63
C LEU A 530 -17.41 20.48 21.32
N GLU A 531 -18.55 20.58 22.01
CA GLU A 531 -19.62 19.61 21.75
C GLU A 531 -20.24 19.73 20.36
N ALA A 532 -19.73 20.62 19.50
CA ALA A 532 -20.17 20.70 18.11
C ALA A 532 -19.07 20.35 17.12
N ASN A 533 -17.80 20.35 17.56
CA ASN A 533 -16.68 19.87 16.76
C ASN A 533 -16.14 18.56 17.32
N PRO A 534 -16.84 17.44 17.20
CA PRO A 534 -16.28 16.18 17.64
C PRO A 534 -15.27 15.68 16.62
N PRO A 535 -14.18 15.04 17.05
CA PRO A 535 -13.32 14.38 16.06
C PRO A 535 -14.02 13.15 15.48
N SER A 536 -13.34 12.44 14.58
CA SER A 536 -13.99 11.42 13.78
C SER A 536 -14.51 10.29 14.66
N ASP A 537 -15.69 9.79 14.30
CA ASP A 537 -16.37 8.81 15.14
C ASP A 537 -15.68 7.44 15.09
N VAL A 538 -15.30 6.99 13.89
CA VAL A 538 -14.69 5.68 13.66
C VAL A 538 -13.41 5.87 12.84
N TYR A 539 -12.61 4.80 12.77
CA TYR A 539 -11.56 4.79 11.76
C TYR A 539 -12.12 4.34 10.41
N LEU A 540 -12.80 3.19 10.38
CA LEU A 540 -13.50 2.77 9.17
C LEU A 540 -14.75 2.00 9.54
N SER A 541 -15.81 2.24 8.78
CA SER A 541 -17.09 1.55 8.93
C SER A 541 -17.07 0.21 8.23
N SER A 542 -18.00 -0.66 8.60
CA SER A 542 -18.08 -1.95 7.92
C SER A 542 -18.48 -1.84 6.45
N ARG A 543 -19.04 -0.72 6.02
CA ARG A 543 -19.16 -0.50 4.59
C ARG A 543 -17.81 -0.07 4.00
N ASP A 544 -17.00 0.65 4.79
CA ASP A 544 -15.64 1.04 4.39
C ASP A 544 -14.70 -0.16 4.35
N ARG A 545 -14.41 -0.77 5.50
CA ARG A 545 -13.51 -1.91 5.62
C ARG A 545 -13.87 -3.05 4.66
N GLN A 546 -15.10 -3.09 4.17
CA GLN A 546 -15.49 -4.06 3.15
C GLN A 546 -15.16 -3.61 1.74
N ILE A 547 -15.08 -2.33 1.48
CA ILE A 547 -14.63 -1.86 0.18
C ILE A 547 -13.10 -1.83 0.17
N LEU A 548 -12.49 -1.53 1.32
CA LEU A 548 -11.05 -1.66 1.45
C LEU A 548 -10.63 -3.12 1.27
N ASP A 549 -11.47 -4.06 1.73
CA ASP A 549 -11.17 -5.47 1.47
C ASP A 549 -11.15 -5.78 -0.01
N TRP A 550 -11.92 -5.06 -0.83
CA TRP A 550 -11.85 -5.34 -2.26
C TRP A 550 -10.56 -4.81 -2.84
N HIS A 551 -10.02 -3.75 -2.27
CA HIS A 551 -8.71 -3.27 -2.74
C HIS A 551 -7.61 -4.24 -2.33
N PHE A 552 -7.79 -4.98 -1.23
CA PHE A 552 -6.82 -6.02 -0.91
C PHE A 552 -7.01 -7.26 -1.76
N ALA A 553 -8.24 -7.58 -2.16
CA ALA A 553 -8.41 -8.66 -3.12
C ALA A 553 -7.66 -8.35 -4.40
N ASN A 554 -7.73 -7.11 -4.86
CA ASN A 554 -6.97 -6.75 -6.04
C ASN A 554 -5.49 -6.99 -5.84
N LEU A 555 -4.96 -6.63 -4.67
CA LEU A 555 -3.53 -6.78 -4.42
C LEU A 555 -3.14 -8.25 -4.26
N GLU A 556 -4.08 -9.09 -3.81
CA GLU A 556 -3.82 -10.51 -3.77
C GLU A 556 -3.96 -11.15 -5.14
N PHE A 557 -4.84 -10.60 -5.98
CA PHE A 557 -4.85 -10.97 -7.39
C PHE A 557 -3.53 -10.60 -8.07
N ALA A 558 -3.04 -9.37 -7.87
CA ALA A 558 -1.78 -8.97 -8.49
C ALA A 558 -0.65 -9.92 -8.19
N ASN A 559 -0.52 -10.35 -6.94
CA ASN A 559 0.60 -11.13 -6.50
C ASN A 559 0.26 -12.60 -6.37
N ALA A 560 -0.96 -12.99 -6.74
CA ALA A 560 -1.43 -14.38 -6.68
C ALA A 560 -1.09 -15.04 -5.34
N THR A 561 -1.40 -14.35 -4.25
CA THR A 561 -1.20 -14.94 -2.93
C THR A 561 -1.87 -14.11 -1.85
N PRO A 562 -2.32 -14.74 -0.76
CA PRO A 562 -2.69 -13.98 0.44
C PRO A 562 -1.61 -13.00 0.88
N LEU A 563 -2.02 -11.76 1.16
CA LEU A 563 -1.06 -10.77 1.62
C LEU A 563 -0.35 -11.22 2.89
N SER A 564 -0.79 -12.32 3.50
CA SER A 564 -0.22 -12.81 4.73
C SER A 564 1.09 -13.50 4.50
N THR A 565 1.41 -13.78 3.23
CA THR A 565 2.55 -14.58 2.80
C THR A 565 3.62 -13.77 2.08
N LEU A 566 3.29 -12.58 1.55
CA LEU A 566 4.26 -11.74 0.86
C LEU A 566 5.28 -11.15 1.83
N SER A 567 6.52 -11.02 1.38
CA SER A 567 7.54 -10.38 2.21
C SER A 567 7.27 -8.89 2.30
N LEU A 568 7.20 -8.36 3.52
CA LEU A 568 7.02 -6.92 3.64
C LEU A 568 8.17 -6.17 2.98
N LYS A 569 9.42 -6.58 3.25
CA LYS A 569 10.54 -5.83 2.69
C LYS A 569 10.57 -5.88 1.18
N HIS A 570 10.29 -7.04 0.58
CA HIS A 570 10.71 -7.32 -0.80
C HIS A 570 9.59 -7.56 -1.79
N TRP A 571 8.32 -7.63 -1.35
CA TRP A 571 7.25 -8.02 -2.25
C TRP A 571 7.19 -7.19 -3.54
N ASP A 572 7.81 -6.03 -3.56
CA ASP A 572 7.72 -5.11 -4.69
C ASP A 572 9.10 -4.68 -5.16
N GLN A 573 10.13 -5.50 -4.92
CA GLN A 573 11.47 -5.20 -5.41
C GLN A 573 11.53 -5.08 -6.94
N ASP A 574 10.63 -5.74 -7.65
CA ASP A 574 10.59 -5.68 -9.11
C ASP A 574 9.88 -4.44 -9.67
N ASP A 575 9.50 -3.48 -8.80
CA ASP A 575 8.75 -2.29 -9.19
C ASP A 575 9.62 -1.26 -9.91
N ASP A 576 10.93 -1.32 -9.70
CA ASP A 576 11.81 -0.34 -10.32
C ASP A 576 11.95 -0.54 -11.81
N PHE A 577 11.45 -1.66 -12.34
CA PHE A 577 11.70 -2.06 -13.71
C PHE A 577 10.41 -2.11 -14.51
N GLU A 578 9.41 -1.36 -14.05
CA GLU A 578 8.11 -1.32 -14.69
C GLU A 578 8.23 -0.79 -16.12
N PHE A 579 7.36 -1.28 -16.99
CA PHE A 579 7.33 -0.73 -18.34
C PHE A 579 6.49 0.54 -18.37
N THR A 580 6.60 1.28 -19.47
CA THR A 580 5.82 2.49 -19.66
C THR A 580 4.74 2.26 -20.72
N GLY A 581 3.55 2.78 -20.47
CA GLY A 581 2.47 2.69 -21.43
C GLY A 581 1.29 1.92 -20.88
N SER A 582 0.25 1.87 -21.71
CA SER A 582 -1.00 1.25 -21.32
C SER A 582 -0.84 -0.26 -21.22
N HIS A 583 -1.57 -0.88 -20.32
CA HIS A 583 -1.65 -2.33 -20.33
C HIS A 583 -2.65 -2.79 -21.38
N LEU A 584 -2.33 -3.88 -22.08
CA LEU A 584 -3.14 -4.32 -23.20
C LEU A 584 -3.64 -5.72 -22.94
N THR A 585 -4.61 -6.15 -23.72
CA THR A 585 -4.96 -7.56 -23.76
C THR A 585 -4.78 -8.03 -25.18
N VAL A 586 -4.91 -9.34 -25.36
CA VAL A 586 -4.74 -9.95 -26.66
C VAL A 586 -6.11 -10.46 -27.08
N ARG A 587 -6.63 -9.84 -28.15
CA ARG A 587 -8.04 -10.04 -28.47
C ARG A 587 -8.25 -11.32 -29.27
N ASN A 588 -7.24 -11.78 -30.03
CA ASN A 588 -7.33 -13.04 -30.74
C ASN A 588 -6.76 -14.22 -29.93
N GLY A 589 -6.54 -14.05 -28.62
CA GLY A 589 -6.04 -15.13 -27.76
C GLY A 589 -4.52 -15.14 -27.75
N TYR A 590 -3.89 -15.30 -26.58
CA TYR A 590 -2.45 -15.07 -26.46
C TYR A 590 -1.63 -16.34 -26.61
N SER A 591 -2.29 -17.48 -26.83
CA SER A 591 -1.64 -18.68 -27.35
C SER A 591 -1.07 -18.45 -28.73
N CYS A 592 -1.56 -17.45 -29.46
CA CYS A 592 -1.01 -17.20 -30.80
C CYS A 592 0.50 -16.98 -30.77
N VAL A 593 1.05 -16.59 -29.62
CA VAL A 593 2.48 -16.31 -29.47
C VAL A 593 3.28 -17.58 -29.26
N PRO A 594 2.99 -18.43 -28.26
CA PRO A 594 3.68 -19.72 -28.20
C PRO A 594 3.61 -20.49 -29.50
N VAL A 595 2.40 -20.65 -30.03
CA VAL A 595 2.24 -21.39 -31.27
C VAL A 595 3.12 -20.79 -32.36
N ALA A 596 3.24 -19.47 -32.40
CA ALA A 596 4.07 -18.84 -33.41
C ALA A 596 5.53 -19.19 -33.20
N LEU A 597 5.95 -19.26 -31.93
CA LEU A 597 7.34 -19.55 -31.59
C LEU A 597 7.68 -21.01 -31.89
N ALA A 598 6.74 -21.91 -31.63
CA ALA A 598 6.95 -23.34 -31.78
C ALA A 598 7.16 -23.77 -33.22
N GLU A 599 7.02 -22.86 -34.19
CA GLU A 599 7.17 -23.22 -35.58
C GLU A 599 8.60 -23.64 -35.88
N GLY A 600 8.75 -24.80 -36.50
CA GLY A 600 10.05 -25.26 -36.90
C GLY A 600 10.90 -25.85 -35.79
N LEU A 601 10.30 -26.22 -34.68
CA LEU A 601 11.05 -26.76 -33.57
C LEU A 601 10.64 -28.19 -33.32
N ASP A 602 11.57 -28.94 -32.73
CA ASP A 602 11.34 -30.35 -32.42
C ASP A 602 10.69 -30.44 -31.05
N ILE A 603 9.37 -30.64 -31.04
CA ILE A 603 8.62 -30.64 -29.79
C ILE A 603 8.01 -32.02 -29.63
N LYS A 604 8.23 -32.65 -28.48
CA LYS A 604 7.62 -33.95 -28.17
C LYS A 604 6.48 -33.67 -27.21
N LEU A 605 5.22 -33.72 -27.70
CA LEU A 605 4.10 -33.50 -26.80
C LEU A 605 3.76 -34.80 -26.09
N ASN A 606 3.06 -34.66 -24.97
CA ASN A 606 2.59 -35.82 -24.20
C ASN A 606 3.76 -36.64 -23.66
N THR A 607 4.76 -35.96 -23.12
CA THR A 607 6.05 -36.57 -22.80
C THR A 607 6.44 -36.01 -21.44
N ALA A 608 6.10 -36.73 -20.37
CA ALA A 608 6.37 -36.22 -19.03
C ALA A 608 7.79 -36.60 -18.64
N VAL A 609 8.66 -35.60 -18.51
CA VAL A 609 9.97 -35.88 -17.92
C VAL A 609 9.78 -36.35 -16.49
N ARG A 610 10.59 -37.32 -16.10
CA ARG A 610 10.39 -37.93 -14.80
C ARG A 610 11.69 -38.14 -14.04
N GLN A 611 12.82 -38.18 -14.74
CA GLN A 611 14.12 -38.22 -14.09
C GLN A 611 15.10 -37.43 -14.95
N VAL A 612 15.90 -36.60 -14.29
CA VAL A 612 17.00 -35.87 -14.94
C VAL A 612 18.31 -36.36 -14.32
N ARG A 613 19.22 -36.78 -15.20
CA ARG A 613 20.43 -37.49 -14.82
C ARG A 613 21.58 -36.80 -15.57
N TYR A 614 22.45 -36.13 -14.81
CA TYR A 614 23.48 -35.27 -15.38
C TYR A 614 24.81 -35.68 -14.76
N THR A 615 25.83 -35.85 -15.60
CA THR A 615 27.12 -36.31 -15.09
C THR A 615 28.24 -35.56 -15.78
N ALA A 616 29.46 -35.84 -15.34
CA ALA A 616 30.59 -35.11 -15.85
C ALA A 616 30.76 -35.24 -17.35
N SER A 617 30.06 -36.15 -18.00
CA SER A 617 30.32 -36.40 -19.41
C SER A 617 29.09 -36.23 -20.29
N GLY A 618 27.97 -35.86 -19.69
CA GLY A 618 26.74 -35.60 -20.42
C GLY A 618 25.55 -35.84 -19.51
N CYS A 619 24.36 -35.79 -20.12
CA CYS A 619 23.11 -35.95 -19.39
C CYS A 619 22.21 -36.87 -20.16
N GLU A 620 21.38 -37.61 -19.42
CA GLU A 620 20.25 -38.33 -19.99
C GLU A 620 18.99 -37.96 -19.22
N VAL A 621 17.92 -37.67 -19.98
CA VAL A 621 16.61 -37.30 -19.44
C VAL A 621 15.66 -38.44 -19.75
N ILE A 622 14.89 -38.87 -18.75
CA ILE A 622 14.02 -40.03 -18.90
C ILE A 622 12.58 -39.56 -18.87
N ALA A 623 11.86 -39.69 -19.99
CA ALA A 623 10.44 -39.32 -20.04
C ALA A 623 9.55 -40.54 -20.30
N VAL A 624 8.27 -40.40 -19.94
CA VAL A 624 7.22 -41.37 -20.26
C VAL A 624 6.16 -40.71 -21.13
N ASN A 625 5.33 -41.54 -21.74
CA ASN A 625 4.17 -41.06 -22.50
C ASN A 625 2.99 -40.86 -21.54
N THR A 626 2.39 -39.67 -21.58
CA THR A 626 1.39 -39.31 -20.56
C THR A 626 0.13 -40.15 -20.65
N ARG A 627 -0.15 -40.72 -21.82
CA ARG A 627 -1.38 -41.45 -22.07
C ARG A 627 -1.27 -42.91 -21.62
N SER A 628 -0.27 -43.62 -22.13
CA SER A 628 0.13 -44.94 -21.64
C SER A 628 1.47 -44.78 -20.92
N THR A 629 1.42 -44.61 -19.58
CA THR A 629 2.63 -44.22 -18.84
C THR A 629 3.66 -45.33 -18.74
N SER A 630 3.37 -46.54 -19.21
CA SER A 630 4.40 -47.56 -19.32
C SER A 630 5.50 -47.13 -20.29
N GLN A 631 5.12 -46.75 -21.52
CA GLN A 631 6.05 -46.45 -22.61
C GLN A 631 7.13 -45.40 -22.31
N THR A 632 8.38 -45.86 -22.14
CA THR A 632 9.50 -45.07 -21.61
C THR A 632 10.46 -44.59 -22.70
N PHE A 633 10.98 -43.36 -22.50
CA PHE A 633 11.87 -42.68 -23.44
C PHE A 633 13.20 -42.30 -22.77
N ILE A 634 14.28 -42.32 -23.54
CA ILE A 634 15.59 -41.92 -23.06
C ILE A 634 16.16 -40.91 -24.04
N TYR A 635 16.56 -39.75 -23.51
CA TYR A 635 17.18 -38.71 -24.31
C TYR A 635 18.55 -38.41 -23.72
N LYS A 636 19.58 -38.51 -24.56
CA LYS A 636 20.95 -38.22 -24.18
C LYS A 636 21.33 -36.86 -24.76
N CYS A 637 22.10 -36.06 -24.01
CA CYS A 637 22.39 -34.71 -24.47
C CYS A 637 23.56 -34.13 -23.71
N ASP A 638 24.12 -33.04 -24.28
CA ASP A 638 25.23 -32.33 -23.66
C ASP A 638 24.79 -31.48 -22.47
N ALA A 639 23.60 -30.86 -22.55
CA ALA A 639 23.06 -30.07 -21.46
C ALA A 639 21.53 -30.16 -21.45
N VAL A 640 20.97 -30.02 -20.26
CA VAL A 640 19.52 -29.95 -20.06
C VAL A 640 19.15 -28.54 -19.59
N LEU A 641 18.15 -27.94 -20.24
CA LEU A 641 17.59 -26.67 -19.81
C LEU A 641 16.23 -26.93 -19.20
N CYS A 642 16.13 -26.72 -17.90
CA CYS A 642 14.92 -27.02 -17.13
C CYS A 642 14.04 -25.76 -16.99
N THR A 643 12.86 -25.76 -17.65
CA THR A 643 11.92 -24.67 -17.43
C THR A 643 10.70 -25.17 -16.67
N LEU A 644 10.91 -26.16 -15.81
CA LEU A 644 9.84 -26.69 -15.00
C LEU A 644 9.28 -25.58 -14.13
N PRO A 645 7.97 -25.37 -14.09
CA PRO A 645 7.38 -24.43 -13.14
C PRO A 645 7.93 -24.60 -11.74
N LEU A 646 8.01 -23.48 -10.99
CA LEU A 646 8.47 -23.57 -9.60
C LEU A 646 7.56 -24.45 -8.77
N GLY A 647 6.29 -24.56 -9.15
CA GLY A 647 5.38 -25.38 -8.36
C GLY A 647 5.65 -26.85 -8.53
N VAL A 648 6.01 -27.24 -9.76
CA VAL A 648 6.48 -28.59 -10.06
C VAL A 648 7.76 -28.90 -9.28
N LEU A 649 8.74 -28.00 -9.37
CA LEU A 649 9.99 -28.15 -8.63
C LEU A 649 9.73 -28.24 -7.14
N LYS A 650 8.62 -27.67 -6.67
CA LYS A 650 8.33 -27.58 -5.24
C LYS A 650 7.71 -28.86 -4.73
N GLN A 651 7.15 -29.66 -5.65
CA GLN A 651 6.30 -30.81 -5.37
C GLN A 651 7.02 -31.84 -4.52
N GLN A 652 6.35 -32.27 -3.46
CA GLN A 652 6.84 -33.27 -2.52
C GLN A 652 5.71 -34.27 -2.28
N PRO A 653 5.87 -35.54 -2.68
CA PRO A 653 7.06 -36.20 -3.23
C PRO A 653 7.31 -35.79 -4.68
N PRO A 654 8.59 -35.76 -5.08
CA PRO A 654 8.97 -35.19 -6.38
C PRO A 654 8.24 -35.78 -7.57
N ALA A 655 7.82 -34.91 -8.49
CA ALA A 655 7.39 -35.34 -9.81
C ALA A 655 8.56 -35.60 -10.73
N VAL A 656 9.73 -35.00 -10.45
CA VAL A 656 10.93 -35.18 -11.26
C VAL A 656 12.10 -35.38 -10.32
N GLN A 657 12.90 -36.38 -10.59
CA GLN A 657 14.01 -36.76 -9.75
C GLN A 657 15.30 -36.30 -10.40
N PHE A 658 16.17 -35.65 -9.63
CA PHE A 658 17.46 -35.25 -10.16
C PHE A 658 18.51 -36.24 -9.67
N VAL A 659 19.31 -36.72 -10.62
CA VAL A 659 20.37 -37.68 -10.37
C VAL A 659 21.68 -37.09 -10.91
N PRO A 660 22.56 -36.58 -10.00
CA PRO A 660 22.38 -36.56 -8.53
C PRO A 660 21.43 -35.47 -8.04
N PRO A 661 21.05 -35.52 -6.76
CA PRO A 661 20.09 -34.53 -6.24
C PRO A 661 20.61 -33.10 -6.43
N LEU A 662 19.67 -32.16 -6.54
CA LEU A 662 20.03 -30.76 -6.58
C LEU A 662 20.72 -30.38 -5.27
N PRO A 663 21.74 -29.53 -5.31
CA PRO A 663 22.45 -29.17 -4.08
C PRO A 663 21.52 -28.45 -3.12
N GLU A 664 21.91 -28.38 -1.84
CA GLU A 664 21.06 -27.71 -0.87
C GLU A 664 20.80 -26.25 -1.23
N TRP A 665 21.83 -25.54 -1.70
CA TRP A 665 21.62 -24.13 -1.99
C TRP A 665 20.53 -23.94 -3.04
N LYS A 666 20.33 -24.92 -3.91
CA LYS A 666 19.25 -24.81 -4.88
C LYS A 666 17.92 -25.23 -4.28
N THR A 667 17.89 -26.29 -3.46
CA THR A 667 16.60 -26.80 -2.99
C THR A 667 16.01 -25.87 -1.95
N SER A 668 16.89 -25.21 -1.17
CA SER A 668 16.43 -24.25 -0.15
C SER A 668 15.86 -23.00 -0.81
N ALA A 669 16.46 -22.54 -1.90
CA ALA A 669 15.83 -21.47 -2.68
C ALA A 669 14.48 -21.91 -3.19
N VAL A 670 14.32 -23.20 -3.50
CA VAL A 670 13.04 -23.70 -4.00
C VAL A 670 12.01 -23.76 -2.88
N GLN A 671 12.43 -24.04 -1.64
CA GLN A 671 11.49 -24.04 -0.53
C GLN A 671 11.11 -22.62 -0.10
N ARG A 672 12.06 -21.70 -0.13
CA ARG A 672 11.85 -20.36 0.41
C ARG A 672 11.01 -19.53 -0.53
N MET A 673 11.21 -19.70 -1.83
CA MET A 673 10.43 -18.93 -2.78
C MET A 673 8.96 -19.19 -2.59
N GLY A 674 8.15 -18.32 -3.15
CA GLY A 674 6.71 -18.44 -3.06
C GLY A 674 6.16 -18.77 -4.42
N PHE A 675 5.25 -19.73 -4.46
CA PHE A 675 4.54 -20.00 -5.70
C PHE A 675 3.08 -19.97 -5.32
N GLY A 676 2.36 -18.98 -5.84
CA GLY A 676 0.97 -18.77 -5.50
C GLY A 676 0.02 -19.23 -6.58
N ASN A 677 -1.20 -18.68 -6.53
CA ASN A 677 -2.37 -19.24 -7.17
C ASN A 677 -3.39 -18.12 -7.43
N LEU A 678 -3.96 -18.10 -8.64
CA LEU A 678 -5.21 -17.39 -8.92
C LEU A 678 -5.91 -18.10 -10.06
N ASN A 679 -7.24 -17.97 -10.15
CA ASN A 679 -8.01 -18.71 -11.16
C ASN A 679 -9.04 -17.82 -11.86
N LYS A 680 -9.45 -18.25 -13.05
CA LYS A 680 -10.36 -17.49 -13.90
C LYS A 680 -11.63 -18.30 -14.20
N VAL A 681 -12.80 -17.65 -14.19
CA VAL A 681 -14.05 -18.28 -14.61
C VAL A 681 -14.53 -17.60 -15.87
N VAL A 682 -14.64 -18.35 -16.95
CA VAL A 682 -14.97 -17.79 -18.25
C VAL A 682 -16.47 -17.97 -18.49
N LEU A 683 -17.15 -16.88 -18.83
CA LEU A 683 -18.61 -16.84 -18.96
C LEU A 683 -18.96 -16.40 -20.36
N CYS A 684 -19.61 -17.28 -21.13
CA CYS A 684 -19.87 -17.10 -22.55
C CYS A 684 -21.36 -16.98 -22.79
N PHE A 685 -21.79 -15.79 -23.22
CA PHE A 685 -23.20 -15.50 -23.43
C PHE A 685 -23.47 -15.28 -24.91
N ASP A 686 -24.76 -15.31 -25.28
CA ASP A 686 -25.19 -15.00 -26.64
C ASP A 686 -25.31 -13.49 -26.91
N ARG A 687 -25.34 -12.63 -25.88
CA ARG A 687 -25.52 -11.20 -26.08
C ARG A 687 -24.86 -10.41 -24.95
N VAL A 688 -24.39 -9.22 -25.29
CA VAL A 688 -23.76 -8.33 -24.33
C VAL A 688 -24.83 -7.66 -23.47
N PHE A 689 -24.71 -7.81 -22.14
CA PHE A 689 -25.64 -7.25 -21.17
C PHE A 689 -24.93 -6.47 -20.06
N TRP A 690 -23.77 -5.92 -20.32
CA TRP A 690 -23.00 -5.14 -19.36
C TRP A 690 -22.66 -3.83 -20.01
N ASP A 691 -22.05 -2.94 -19.26
CA ASP A 691 -21.63 -1.69 -19.87
C ASP A 691 -20.48 -1.95 -20.84
N PRO A 692 -20.71 -1.86 -22.16
CA PRO A 692 -19.63 -2.21 -23.11
C PRO A 692 -18.46 -1.25 -23.09
N SER A 693 -18.64 -0.03 -22.57
CA SER A 693 -17.55 0.94 -22.49
C SER A 693 -16.69 0.74 -21.25
N VAL A 694 -16.99 -0.29 -20.47
CA VAL A 694 -16.30 -0.60 -19.23
C VAL A 694 -15.65 -1.97 -19.42
N ASN A 695 -14.32 -1.98 -19.47
CA ASN A 695 -13.62 -3.25 -19.61
C ASN A 695 -13.78 -4.11 -18.36
N LEU A 696 -13.71 -3.51 -17.19
CA LEU A 696 -13.69 -4.28 -15.95
C LEU A 696 -14.46 -3.59 -14.84
N PHE A 697 -15.23 -4.38 -14.09
CA PHE A 697 -16.04 -3.86 -13.01
C PHE A 697 -16.00 -4.82 -11.82
N GLY A 698 -15.96 -4.27 -10.63
CA GLY A 698 -15.72 -5.07 -9.45
C GLY A 698 -16.99 -5.59 -8.78
N HIS A 699 -16.77 -6.41 -7.77
CA HIS A 699 -17.79 -6.92 -6.85
C HIS A 699 -17.20 -6.95 -5.45
N VAL A 700 -17.89 -6.33 -4.49
CA VAL A 700 -17.35 -6.20 -3.15
C VAL A 700 -17.86 -7.36 -2.32
N GLY A 701 -16.97 -8.00 -1.59
CA GLY A 701 -17.32 -9.21 -0.89
C GLY A 701 -17.72 -8.94 0.55
N SER A 702 -18.51 -9.85 1.09
CA SER A 702 -19.15 -9.68 2.39
C SER A 702 -18.20 -9.87 3.56
N THR A 703 -17.11 -10.59 3.34
CA THR A 703 -16.26 -11.01 4.43
C THR A 703 -14.85 -10.55 4.11
N THR A 704 -14.00 -10.47 5.14
CA THR A 704 -12.58 -10.47 4.88
C THR A 704 -12.17 -11.81 4.26
N ALA A 705 -12.66 -12.91 4.83
CA ALA A 705 -12.29 -14.24 4.36
C ALA A 705 -12.63 -14.47 2.90
N SER A 706 -13.75 -13.93 2.42
CA SER A 706 -14.17 -14.19 1.05
C SER A 706 -13.91 -13.01 0.12
N ARG A 707 -12.95 -12.15 0.45
CA ARG A 707 -12.72 -10.99 -0.40
C ARG A 707 -12.27 -11.39 -1.79
N GLY A 708 -11.61 -12.54 -1.93
CA GLY A 708 -11.17 -12.97 -3.25
C GLY A 708 -12.26 -13.57 -4.10
N GLU A 709 -13.33 -14.06 -3.48
CA GLU A 709 -14.29 -14.91 -4.18
C GLU A 709 -15.06 -14.08 -5.20
N LEU A 710 -14.85 -14.40 -6.47
CA LEU A 710 -15.48 -13.73 -7.61
C LEU A 710 -15.52 -12.20 -7.48
N PHE A 711 -14.37 -11.59 -7.21
CA PHE A 711 -14.31 -10.19 -6.86
C PHE A 711 -14.18 -9.27 -8.07
N LEU A 712 -14.16 -9.79 -9.30
CA LEU A 712 -13.81 -8.91 -10.42
C LEU A 712 -14.16 -9.57 -11.75
N PHE A 713 -14.55 -8.73 -12.72
CA PHE A 713 -15.02 -9.20 -14.03
C PHE A 713 -14.34 -8.39 -15.14
N TRP A 714 -14.07 -9.06 -16.28
CA TRP A 714 -13.51 -8.39 -17.47
C TRP A 714 -14.38 -8.63 -18.69
N ASN A 715 -14.88 -7.54 -19.27
CA ASN A 715 -15.18 -7.48 -20.69
C ASN A 715 -13.89 -7.18 -21.41
N LEU A 716 -13.42 -8.07 -22.25
CA LEU A 716 -12.18 -7.78 -22.95
C LEU A 716 -12.27 -8.03 -24.43
N TYR A 717 -13.23 -8.81 -24.87
CA TYR A 717 -13.18 -9.46 -26.17
C TYR A 717 -14.26 -8.85 -27.05
N LYS A 718 -14.04 -8.98 -28.37
CA LYS A 718 -15.09 -8.71 -29.35
C LYS A 718 -16.41 -9.29 -28.86
N ALA A 719 -16.45 -10.63 -28.76
CA ALA A 719 -17.57 -11.48 -28.40
C ALA A 719 -18.16 -11.17 -27.02
N PRO A 720 -19.34 -11.72 -26.74
CA PRO A 720 -19.97 -11.68 -25.40
C PRO A 720 -19.36 -12.62 -24.36
N ILE A 721 -18.19 -12.23 -23.86
CA ILE A 721 -17.49 -12.99 -22.82
C ILE A 721 -17.15 -12.05 -21.66
N LEU A 722 -17.65 -12.40 -20.49
CA LEU A 722 -17.22 -11.87 -19.20
C LEU A 722 -16.36 -12.90 -18.50
N LEU A 723 -15.32 -12.41 -17.82
CA LEU A 723 -14.30 -13.27 -17.26
C LEU A 723 -14.11 -12.88 -15.80
N ALA A 724 -14.31 -13.83 -14.89
CA ALA A 724 -14.45 -13.55 -13.46
C ALA A 724 -13.29 -14.11 -12.66
N LEU A 725 -12.65 -13.27 -11.84
CA LEU A 725 -11.42 -13.66 -11.15
C LEU A 725 -11.68 -14.21 -9.75
N VAL A 726 -10.81 -15.14 -9.31
CA VAL A 726 -10.82 -15.67 -7.94
C VAL A 726 -9.42 -15.52 -7.35
N ALA A 727 -9.27 -14.71 -6.31
CA ALA A 727 -7.94 -14.34 -5.81
C ALA A 727 -7.76 -14.77 -4.36
N GLY A 728 -6.57 -14.54 -3.85
CA GLY A 728 -6.28 -14.64 -2.42
C GLY A 728 -6.56 -16.01 -1.85
N GLU A 729 -7.02 -16.01 -0.59
CA GLU A 729 -7.37 -17.26 0.09
C GLU A 729 -8.50 -17.98 -0.60
N ALA A 730 -9.36 -17.25 -1.31
CA ALA A 730 -10.48 -17.86 -2.02
C ALA A 730 -10.03 -18.70 -3.21
N ALA A 731 -8.87 -18.37 -3.79
CA ALA A 731 -8.37 -19.08 -4.97
C ALA A 731 -8.20 -20.56 -4.68
N GLY A 732 -7.46 -20.87 -3.61
CA GLY A 732 -7.18 -22.25 -3.27
C GLY A 732 -8.35 -23.03 -2.76
N ILE A 733 -9.51 -22.40 -2.56
CA ILE A 733 -10.68 -23.06 -2.01
C ILE A 733 -11.75 -23.28 -3.07
N MET A 734 -11.93 -22.36 -4.00
CA MET A 734 -12.90 -22.58 -5.07
C MET A 734 -12.53 -23.76 -5.97
N GLU A 735 -11.33 -24.30 -5.82
CA GLU A 735 -10.91 -25.46 -6.58
C GLU A 735 -11.56 -26.74 -6.06
N ASN A 736 -12.11 -26.69 -4.85
CA ASN A 736 -12.83 -27.78 -4.21
C ASN A 736 -14.33 -27.72 -4.47
N ILE A 737 -14.76 -27.05 -5.54
CA ILE A 737 -16.16 -26.73 -5.74
C ILE A 737 -16.48 -26.83 -7.22
N SER A 738 -17.57 -27.54 -7.56
CA SER A 738 -17.86 -27.86 -8.94
C SER A 738 -18.10 -26.60 -9.78
N ASP A 739 -18.08 -26.77 -11.09
CA ASP A 739 -18.21 -25.64 -12.01
C ASP A 739 -19.58 -25.00 -11.89
N ASP A 740 -20.63 -25.81 -11.86
CA ASP A 740 -21.99 -25.31 -11.71
C ASP A 740 -22.16 -24.47 -10.44
N VAL A 741 -21.68 -24.99 -9.30
CA VAL A 741 -21.71 -24.18 -8.09
C VAL A 741 -20.98 -22.85 -8.30
N ILE A 742 -19.79 -22.87 -8.93
CA ILE A 742 -19.05 -21.64 -9.19
C ILE A 742 -19.80 -20.76 -10.18
N VAL A 743 -20.23 -21.34 -11.32
CA VAL A 743 -20.98 -20.55 -12.29
C VAL A 743 -22.29 -20.07 -11.68
N GLY A 744 -22.84 -20.82 -10.71
CA GLY A 744 -23.96 -20.36 -9.92
C GLY A 744 -23.65 -19.04 -9.24
N ARG A 745 -22.67 -19.05 -8.34
CA ARG A 745 -22.32 -17.84 -7.62
C ARG A 745 -22.07 -16.67 -8.56
N CYS A 746 -21.56 -16.93 -9.78
CA CYS A 746 -21.32 -15.83 -10.73
C CYS A 746 -22.61 -15.28 -11.31
N LEU A 747 -23.57 -16.16 -11.58
CA LEU A 747 -24.84 -15.69 -12.11
C LEU A 747 -25.59 -14.89 -11.05
N ALA A 748 -25.64 -15.42 -9.83
CA ALA A 748 -26.12 -14.66 -8.67
C ALA A 748 -25.49 -13.27 -8.62
N ILE A 749 -24.17 -13.19 -8.77
CA ILE A 749 -23.47 -11.99 -8.38
C ILE A 749 -23.80 -10.93 -9.41
N LEU A 750 -24.08 -11.36 -10.65
CA LEU A 750 -24.32 -10.48 -11.79
C LEU A 750 -25.76 -10.01 -11.84
N LYS A 751 -26.69 -10.89 -11.43
CA LYS A 751 -28.09 -10.50 -11.31
C LYS A 751 -28.24 -9.30 -10.39
N GLY A 752 -27.64 -9.37 -9.20
CA GLY A 752 -27.66 -8.26 -8.28
C GLY A 752 -27.21 -6.94 -8.89
N ILE A 753 -26.32 -7.00 -9.89
CA ILE A 753 -25.70 -5.79 -10.42
C ILE A 753 -26.33 -5.33 -11.72
N PHE A 754 -26.82 -6.27 -12.53
CA PHE A 754 -27.46 -5.94 -13.80
C PHE A 754 -28.93 -6.30 -13.84
N GLY A 755 -29.49 -6.85 -12.78
CA GLY A 755 -30.90 -7.16 -12.78
C GLY A 755 -31.18 -8.62 -13.05
N SER A 756 -32.08 -9.21 -12.25
CA SER A 756 -32.35 -10.64 -12.22
C SER A 756 -32.95 -11.20 -13.52
N SER A 757 -33.08 -10.38 -14.57
CA SER A 757 -33.69 -10.82 -15.82
C SER A 757 -32.91 -10.41 -17.07
N ALA A 758 -31.89 -9.56 -16.95
CA ALA A 758 -30.97 -9.25 -18.05
C ALA A 758 -29.82 -10.26 -18.18
N VAL A 759 -29.66 -11.18 -17.22
CA VAL A 759 -28.55 -12.11 -17.15
C VAL A 759 -28.99 -13.44 -17.76
N PRO A 760 -28.68 -13.72 -19.06
CA PRO A 760 -29.12 -14.99 -19.66
C PRO A 760 -28.38 -16.18 -19.07
N GLN A 761 -28.71 -17.40 -19.47
CA GLN A 761 -27.81 -18.49 -19.18
C GLN A 761 -26.54 -18.35 -20.04
N PRO A 762 -25.39 -18.78 -19.50
CA PRO A 762 -24.17 -18.82 -20.33
C PRO A 762 -24.19 -20.04 -21.25
N LYS A 763 -23.87 -19.80 -22.52
CA LYS A 763 -23.83 -20.90 -23.48
C LYS A 763 -22.69 -21.87 -23.18
N GLU A 764 -21.54 -21.36 -22.70
CA GLU A 764 -20.34 -22.13 -22.43
C GLU A 764 -19.62 -21.60 -21.20
N THR A 765 -19.15 -22.51 -20.34
CA THR A 765 -18.42 -22.13 -19.14
C THR A 765 -17.16 -22.97 -18.94
N VAL A 766 -16.09 -22.30 -18.48
CA VAL A 766 -14.77 -22.86 -18.20
C VAL A 766 -14.28 -22.30 -16.86
N VAL A 767 -13.97 -23.18 -15.91
CA VAL A 767 -13.28 -22.79 -14.67
C VAL A 767 -11.86 -23.32 -14.72
N SER A 768 -10.89 -22.50 -14.33
CA SER A 768 -9.52 -22.99 -14.24
C SER A 768 -9.23 -23.46 -12.81
N ARG A 769 -8.18 -24.30 -12.69
CA ARG A 769 -7.74 -24.82 -11.37
C ARG A 769 -6.23 -25.06 -11.43
N TRP A 770 -5.47 -23.96 -11.26
CA TRP A 770 -4.04 -24.01 -11.54
C TRP A 770 -3.24 -24.69 -10.45
N ARG A 771 -3.65 -24.58 -9.19
CA ARG A 771 -2.97 -25.37 -8.17
C ARG A 771 -3.26 -26.85 -8.37
N ALA A 772 -4.44 -27.16 -8.90
CA ALA A 772 -4.77 -28.53 -9.24
C ALA A 772 -3.85 -29.07 -10.33
N ASP A 773 -3.68 -28.29 -11.41
CA ASP A 773 -2.95 -28.70 -12.59
C ASP A 773 -1.57 -29.22 -12.23
N PRO A 774 -1.27 -30.49 -12.51
CA PRO A 774 0.03 -31.05 -12.10
C PRO A 774 1.24 -30.57 -12.91
N TRP A 775 1.05 -29.85 -14.02
CA TRP A 775 2.12 -29.31 -14.85
C TRP A 775 2.40 -27.82 -14.53
N ALA A 776 1.88 -27.35 -13.41
CA ALA A 776 1.91 -25.98 -12.97
C ALA A 776 2.02 -26.01 -11.45
N ARG A 777 0.96 -26.51 -10.80
CA ARG A 777 0.90 -26.60 -9.35
C ARG A 777 0.86 -25.21 -8.73
N GLY A 778 0.15 -24.31 -9.41
CA GLY A 778 0.08 -22.91 -9.03
C GLY A 778 0.04 -22.05 -10.28
N SER A 779 0.07 -20.73 -10.08
CA SER A 779 -0.08 -19.76 -11.17
C SER A 779 1.20 -19.03 -11.50
N TYR A 780 1.88 -18.45 -10.51
CA TYR A 780 3.20 -17.83 -10.70
C TYR A 780 3.78 -17.48 -9.35
N SER A 781 5.05 -17.11 -9.38
CA SER A 781 5.83 -16.94 -8.16
C SER A 781 5.55 -15.58 -7.52
N TYR A 782 5.95 -15.46 -6.26
CA TYR A 782 5.81 -14.24 -5.49
C TYR A 782 6.92 -14.23 -4.46
N VAL A 783 7.37 -13.04 -4.05
CA VAL A 783 8.47 -13.00 -3.08
C VAL A 783 7.87 -13.30 -1.72
N ALA A 784 8.05 -14.52 -1.24
CA ALA A 784 7.47 -14.92 0.02
C ALA A 784 8.22 -14.27 1.15
N ALA A 785 7.52 -14.08 2.28
CA ALA A 785 8.18 -13.65 3.50
C ALA A 785 9.31 -14.60 3.80
N GLY A 786 10.44 -14.08 4.28
CA GLY A 786 11.63 -14.90 4.45
C GLY A 786 12.40 -15.20 3.18
N SER A 787 11.90 -14.80 2.02
CA SER A 787 12.63 -14.88 0.76
C SER A 787 13.09 -13.48 0.38
N SER A 788 13.90 -13.38 -0.67
CA SER A 788 14.27 -12.10 -1.26
C SER A 788 14.30 -12.28 -2.76
N GLY A 789 14.55 -11.18 -3.47
CA GLY A 789 14.80 -11.36 -4.88
C GLY A 789 16.10 -12.06 -5.14
N ASN A 790 16.95 -12.19 -4.13
CA ASN A 790 18.20 -12.92 -4.26
C ASN A 790 17.98 -14.40 -4.58
N ASP A 791 16.96 -15.03 -3.96
CA ASP A 791 16.54 -16.38 -4.30
C ASP A 791 16.25 -16.54 -5.79
N TYR A 792 15.61 -15.55 -6.40
CA TYR A 792 15.35 -15.59 -7.83
C TYR A 792 16.62 -15.77 -8.64
N ASP A 793 17.78 -15.39 -8.09
CA ASP A 793 19.06 -15.54 -8.76
C ASP A 793 19.70 -16.89 -8.51
N LEU A 794 19.68 -17.37 -7.26
CA LEU A 794 19.95 -18.78 -7.00
C LEU A 794 19.20 -19.69 -7.98
N MET A 795 17.90 -19.48 -8.15
CA MET A 795 17.15 -20.28 -9.12
C MET A 795 17.80 -20.34 -10.49
N ALA A 796 18.57 -19.33 -10.87
CA ALA A 796 19.05 -19.27 -12.24
C ALA A 796 20.46 -19.85 -12.42
N GLN A 797 21.22 -20.11 -11.33
CA GLN A 797 22.57 -20.66 -11.48
C GLN A 797 22.49 -22.07 -12.05
N PRO A 798 23.30 -22.40 -13.04
CA PRO A 798 23.33 -23.77 -13.56
C PRO A 798 23.93 -24.70 -12.52
N ILE A 799 23.72 -26.02 -12.71
CA ILE A 799 24.36 -27.04 -11.86
C ILE A 799 25.53 -27.69 -12.60
N THR A 800 26.66 -27.83 -11.89
CA THR A 800 27.83 -28.50 -12.44
C THR A 800 28.08 -29.80 -11.69
N PRO A 801 28.00 -30.93 -12.41
CA PRO A 801 28.23 -32.25 -11.81
C PRO A 801 29.66 -32.42 -11.35
N GLY A 802 29.85 -33.22 -10.30
CA GLY A 802 31.18 -33.58 -9.85
C GLY A 802 31.96 -34.36 -10.90
N PRO A 803 33.26 -34.54 -10.71
CA PRO A 803 34.04 -35.28 -11.70
C PRO A 803 33.73 -36.77 -11.64
N SER A 804 33.69 -37.44 -12.81
CA SER A 804 33.54 -38.89 -12.82
C SER A 804 34.74 -39.55 -12.16
N ILE A 805 35.91 -39.43 -12.78
CA ILE A 805 37.16 -39.97 -12.24
C ILE A 805 37.59 -39.01 -11.14
N PRO A 806 37.77 -39.45 -9.89
CA PRO A 806 38.26 -38.53 -8.86
C PRO A 806 39.64 -37.97 -9.22
N GLY A 807 39.78 -36.65 -9.12
CA GLY A 807 40.97 -35.94 -9.57
C GLY A 807 41.00 -35.60 -11.04
N ALA A 808 39.92 -35.78 -11.75
CA ALA A 808 39.87 -35.24 -13.09
C ALA A 808 39.46 -33.77 -13.04
N PRO A 809 39.79 -32.98 -14.06
CA PRO A 809 39.46 -31.57 -14.00
C PRO A 809 37.96 -31.34 -13.87
N GLN A 810 37.64 -30.34 -13.04
CA GLN A 810 36.41 -29.58 -12.90
C GLN A 810 35.65 -29.46 -14.22
N PRO A 811 34.51 -30.14 -14.35
CA PRO A 811 33.82 -30.12 -15.64
C PRO A 811 32.92 -28.89 -15.84
N ILE A 812 32.62 -28.67 -17.11
CA ILE A 812 31.51 -27.93 -17.71
C ILE A 812 30.27 -27.96 -16.82
N PRO A 813 29.40 -26.94 -16.83
CA PRO A 813 28.08 -27.10 -16.22
C PRO A 813 27.10 -27.75 -17.18
N ARG A 814 26.17 -28.53 -16.62
CA ARG A 814 25.34 -29.39 -17.45
C ARG A 814 23.85 -29.10 -17.37
N LEU A 815 23.34 -28.71 -16.19
CA LEU A 815 21.93 -28.45 -15.93
C LEU A 815 21.68 -26.94 -15.82
N PHE A 816 20.79 -26.40 -16.66
CA PHE A 816 20.46 -24.98 -16.71
C PHE A 816 18.99 -24.70 -16.38
N PHE A 817 18.69 -23.53 -15.83
CA PHE A 817 17.32 -23.21 -15.39
C PHE A 817 16.81 -21.92 -16.02
N ALA A 818 15.60 -21.98 -16.55
CA ALA A 818 14.93 -20.81 -17.10
C ALA A 818 13.47 -20.86 -16.71
N GLY A 819 12.72 -19.86 -17.13
CA GLY A 819 11.37 -19.80 -16.62
C GLY A 819 11.13 -18.57 -15.75
N GLU A 820 9.84 -18.21 -15.62
CA GLU A 820 9.45 -17.00 -14.91
C GLU A 820 10.03 -16.88 -13.51
N HIS A 821 10.33 -17.97 -12.83
CA HIS A 821 10.81 -17.88 -11.46
C HIS A 821 12.30 -17.64 -11.39
N THR A 822 12.98 -17.46 -12.52
CA THR A 822 14.44 -17.34 -12.52
C THR A 822 14.94 -15.93 -12.83
N ILE A 823 14.06 -14.99 -13.09
CA ILE A 823 14.45 -13.68 -13.60
C ILE A 823 14.05 -12.66 -12.53
N ARG A 824 15.04 -12.28 -11.70
CA ARG A 824 14.85 -11.33 -10.59
C ARG A 824 14.07 -10.08 -10.96
N ASN A 825 14.42 -9.45 -12.07
CA ASN A 825 13.87 -8.14 -12.37
C ASN A 825 12.56 -8.19 -13.15
N TYR A 826 12.09 -9.37 -13.54
CA TYR A 826 10.81 -9.46 -14.25
C TYR A 826 10.07 -10.73 -13.87
N PRO A 827 10.01 -11.09 -12.58
CA PRO A 827 9.42 -12.37 -12.22
C PRO A 827 7.94 -12.37 -12.52
N ALA A 828 7.37 -13.56 -12.37
CA ALA A 828 5.98 -13.89 -12.60
C ALA A 828 5.34 -13.25 -13.81
N THR A 829 6.07 -12.95 -14.87
CA THR A 829 5.42 -12.40 -16.06
C THR A 829 5.58 -13.33 -17.26
N VAL A 830 4.96 -12.98 -18.40
CA VAL A 830 5.42 -13.63 -19.66
C VAL A 830 6.76 -13.06 -20.14
N HIS A 831 6.81 -11.77 -20.42
CA HIS A 831 8.04 -11.15 -20.90
C HIS A 831 9.24 -11.59 -20.05
N GLY A 832 9.01 -11.98 -18.80
CA GLY A 832 10.11 -12.40 -17.96
C GLY A 832 10.54 -13.81 -18.25
N ALA A 833 9.57 -14.68 -18.51
CA ALA A 833 9.88 -15.99 -19.04
C ALA A 833 10.72 -15.86 -20.31
N LEU A 834 10.13 -15.24 -21.34
CA LEU A 834 10.81 -14.96 -22.59
C LEU A 834 12.26 -14.57 -22.34
N LEU A 835 12.42 -13.53 -21.54
CA LEU A 835 13.75 -12.98 -21.30
C LEU A 835 14.67 -14.03 -20.71
N SER A 836 14.18 -14.87 -19.78
CA SER A 836 15.06 -15.85 -19.16
C SER A 836 15.46 -16.96 -20.12
N GLY A 837 14.54 -17.37 -21.00
CA GLY A 837 14.90 -18.30 -22.06
C GLY A 837 15.94 -17.71 -23.00
N LEU A 838 15.79 -16.44 -23.36
CA LEU A 838 16.79 -15.78 -24.17
C LEU A 838 18.13 -15.80 -23.45
N ARG A 839 18.09 -15.53 -22.14
CA ARG A 839 19.30 -15.51 -21.32
C ARG A 839 20.00 -16.85 -21.36
N GLU A 840 19.30 -17.94 -21.01
CA GLU A 840 20.00 -19.22 -20.90
C GLU A 840 20.49 -19.70 -22.26
N ALA A 841 19.74 -19.43 -23.34
CA ALA A 841 20.24 -19.81 -24.65
C ALA A 841 21.56 -19.13 -24.96
N GLY A 842 21.72 -17.88 -24.58
CA GLY A 842 23.03 -17.28 -24.69
C GLY A 842 24.05 -17.95 -23.78
N ARG A 843 23.60 -18.40 -22.62
CA ARG A 843 24.57 -18.90 -21.65
C ARG A 843 25.14 -20.22 -22.13
N ILE A 844 24.23 -21.06 -22.63
CA ILE A 844 24.54 -22.40 -23.12
C ILE A 844 25.43 -22.31 -24.35
N ALA A 845 25.06 -21.46 -25.30
CA ALA A 845 25.87 -21.29 -26.50
C ALA A 845 27.26 -20.81 -26.14
N ASP A 846 27.38 -19.82 -25.26
CA ASP A 846 28.70 -19.35 -24.84
C ASP A 846 29.55 -20.50 -24.29
N GLN A 847 28.91 -21.58 -23.86
CA GLN A 847 29.57 -22.70 -23.22
C GLN A 847 29.97 -23.78 -24.23
N PHE A 848 29.06 -24.16 -25.11
CA PHE A 848 29.27 -25.27 -26.01
C PHE A 848 29.68 -24.84 -27.40
N LEU A 849 29.49 -23.56 -27.71
CA LEU A 849 29.92 -23.02 -28.98
C LEU A 849 31.09 -22.05 -28.80
N GLY A 850 31.47 -21.77 -27.55
CA GLY A 850 32.48 -20.76 -27.27
C GLY A 850 32.07 -19.36 -27.65
N ALA A 851 32.59 -18.37 -26.94
CA ALA A 851 32.26 -16.97 -27.19
C ALA A 851 33.52 -16.29 -27.70
N MET A 852 33.60 -16.12 -29.01
CA MET A 852 34.83 -15.65 -29.63
C MET A 852 34.93 -14.12 -29.59
N TYR A 853 33.94 -13.45 -29.00
CA TYR A 853 33.75 -12.00 -29.05
C TYR A 853 34.21 -11.28 -27.77
N THR A 854 34.94 -11.97 -26.89
CA THR A 854 35.39 -11.42 -25.61
C THR A 854 36.89 -11.08 -25.60
N LEU A 855 37.52 -10.90 -26.77
CA LEU A 855 38.96 -10.64 -26.92
C LEU A 855 39.23 -9.19 -27.38
N ARG B 12 11.80 10.01 4.97
CA ARG B 12 12.01 10.46 6.34
C ARG B 12 10.76 10.29 7.21
N LYS B 13 9.62 10.80 6.76
CA LYS B 13 8.42 10.92 7.57
C LYS B 13 7.24 10.21 6.89
N PRO B 14 6.22 9.81 7.67
CA PRO B 14 5.12 8.96 7.12
C PRO B 14 4.35 9.66 6.02
N PRO B 15 3.31 9.04 5.48
CA PRO B 15 2.25 9.83 4.86
C PRO B 15 1.61 10.67 5.93
N LYS B 16 0.98 11.77 5.52
CA LYS B 16 0.42 12.69 6.49
C LYS B 16 -0.97 12.19 6.90
N GLY B 17 -1.15 11.90 8.19
CA GLY B 17 -2.37 11.33 8.74
C GLY B 17 -2.17 9.95 9.35
N MET B 18 -1.26 9.16 8.79
CA MET B 18 -0.83 7.94 9.46
C MET B 18 -0.08 8.27 10.73
N PHE B 19 -0.41 7.60 11.82
CA PHE B 19 0.30 7.82 13.08
C PHE B 19 1.17 6.62 13.42
N LEU B 20 2.46 6.88 13.53
CA LEU B 20 3.46 5.82 13.42
C LEU B 20 4.73 6.19 14.21
N SER B 21 4.66 6.10 15.53
CA SER B 21 5.86 6.33 16.33
C SER B 21 6.53 5.00 16.62
N GLN B 22 7.86 5.05 16.79
CA GLN B 22 8.60 3.87 17.22
C GLN B 22 7.93 3.26 18.47
N GLU B 23 7.50 4.13 19.38
CA GLU B 23 6.89 3.71 20.63
C GLU B 23 5.56 3.00 20.40
N ASP B 24 4.64 3.63 19.63
CA ASP B 24 3.34 3.03 19.34
C ASP B 24 3.47 1.64 18.75
N VAL B 25 4.48 1.44 17.89
CA VAL B 25 4.57 0.23 17.09
C VAL B 25 4.84 -0.98 17.97
N GLU B 26 5.79 -0.85 18.90
CA GLU B 26 6.15 -1.96 19.77
C GLU B 26 5.02 -2.33 20.71
N ALA B 27 4.23 -1.33 21.14
CA ALA B 27 3.15 -1.56 22.11
C ALA B 27 2.01 -2.38 21.55
N VAL B 28 1.81 -2.36 20.22
CA VAL B 28 0.78 -3.16 19.59
C VAL B 28 1.34 -4.49 19.08
N SER B 29 2.67 -4.68 19.14
CA SER B 29 3.33 -5.92 18.74
C SER B 29 3.63 -6.87 19.89
N ALA B 30 3.82 -6.36 21.11
CA ALA B 30 4.31 -7.10 22.26
C ALA B 30 3.75 -8.51 22.42
N ASN B 31 2.52 -8.76 21.96
CA ASN B 31 2.00 -10.12 21.92
C ASN B 31 0.87 -10.19 20.88
N ALA B 32 0.12 -11.31 20.91
CA ALA B 32 -0.85 -11.60 19.86
C ALA B 32 -2.04 -10.64 19.92
N THR B 33 -2.73 -10.60 21.07
CA THR B 33 -3.85 -9.68 21.28
C THR B 33 -3.44 -8.40 22.03
N ALA B 34 -2.14 -8.04 22.02
CA ALA B 34 -1.71 -6.74 22.53
C ALA B 34 -2.27 -5.60 21.70
N ALA B 35 -2.77 -5.91 20.50
CA ALA B 35 -3.55 -4.97 19.71
C ALA B 35 -4.92 -4.81 20.34
N THR B 36 -5.70 -5.89 20.34
CA THR B 36 -7.04 -5.86 20.94
C THR B 36 -7.01 -5.34 22.36
N THR B 37 -5.93 -5.61 23.11
CA THR B 37 -5.82 -5.14 24.48
C THR B 37 -5.85 -3.60 24.54
N VAL B 38 -4.81 -2.94 24.04
CA VAL B 38 -4.67 -1.49 24.18
C VAL B 38 -5.85 -0.73 23.56
N LEU B 39 -6.61 -1.36 22.68
CA LEU B 39 -7.80 -0.73 22.10
C LEU B 39 -9.06 -0.98 22.93
N ARG B 40 -8.97 -1.72 24.05
CA ARG B 40 -10.05 -1.75 25.02
C ARG B 40 -9.77 -0.92 26.25
N GLN B 41 -8.49 -0.74 26.64
CA GLN B 41 -8.17 0.33 27.59
C GLN B 41 -8.58 1.69 27.06
N LEU B 42 -8.68 1.85 25.75
CA LEU B 42 -9.13 3.13 25.23
C LEU B 42 -10.65 3.17 25.09
N ASP B 43 -11.29 2.06 24.72
CA ASP B 43 -12.75 2.10 24.70
C ASP B 43 -13.33 2.30 26.09
N MET B 44 -12.58 1.92 27.12
CA MET B 44 -13.08 2.10 28.48
C MET B 44 -12.65 3.44 29.06
N GLU B 45 -11.42 3.90 28.81
CA GLU B 45 -11.10 5.30 29.10
C GLU B 45 -12.14 6.24 28.52
N LEU B 46 -12.73 5.87 27.38
CA LEU B 46 -13.67 6.76 26.73
C LEU B 46 -15.04 6.69 27.39
N VAL B 47 -15.47 5.49 27.79
CA VAL B 47 -16.73 5.40 28.54
C VAL B 47 -16.57 6.04 29.92
N SER B 48 -15.43 5.79 30.58
CA SER B 48 -15.13 6.38 31.89
C SER B 48 -15.29 7.90 31.88
N VAL B 49 -14.74 8.57 30.87
CA VAL B 49 -14.90 10.03 30.78
C VAL B 49 -16.30 10.38 30.31
N LYS B 50 -16.86 9.61 29.38
CA LYS B 50 -18.18 9.94 28.86
C LYS B 50 -19.23 9.98 29.97
N ARG B 51 -19.17 9.03 30.91
CA ARG B 51 -20.16 9.07 32.00
C ARG B 51 -19.80 10.15 33.02
N GLN B 52 -18.53 10.43 33.21
CA GLN B 52 -18.13 11.52 34.10
C GLN B 52 -18.55 12.87 33.51
N ILE B 53 -18.63 12.97 32.19
CA ILE B 53 -19.01 14.22 31.55
C ILE B 53 -20.51 14.41 31.75
N GLN B 54 -21.23 13.29 31.82
CA GLN B 54 -22.68 13.23 31.97
C GLN B 54 -23.06 13.62 33.38
N ASN B 55 -22.15 13.35 34.32
CA ASN B 55 -22.31 13.57 35.75
C ASN B 55 -22.26 15.07 36.02
N ILE B 56 -21.07 15.65 35.89
CA ILE B 56 -20.88 17.09 36.05
C ILE B 56 -21.89 17.91 35.25
N LYS B 57 -22.40 17.37 34.15
CA LYS B 57 -23.48 18.09 33.47
C LYS B 57 -24.67 18.28 34.40
N GLN B 58 -25.08 17.22 35.11
CA GLN B 58 -26.22 17.37 36.01
C GLN B 58 -25.86 18.08 37.33
N THR B 59 -24.66 17.88 37.87
CA THR B 59 -24.21 18.74 38.97
C THR B 59 -24.22 20.21 38.58
N ASN B 60 -23.75 20.53 37.39
CA ASN B 60 -23.75 21.92 36.96
C ASN B 60 -25.15 22.38 36.53
N SER B 61 -26.06 21.45 36.24
CA SER B 61 -27.43 21.85 35.93
C SER B 61 -28.24 22.15 37.18
N ALA B 62 -27.92 21.48 38.29
CA ALA B 62 -28.54 21.83 39.56
C ALA B 62 -28.02 23.16 40.08
N LEU B 63 -26.71 23.39 40.00
CA LEU B 63 -26.20 24.67 40.45
C LEU B 63 -26.69 25.82 39.57
N LYS B 64 -27.13 25.56 38.34
CA LYS B 64 -27.74 26.63 37.55
C LYS B 64 -29.13 26.98 38.07
N GLU B 65 -29.84 26.00 38.60
CA GLU B 65 -31.21 26.28 39.03
C GLU B 65 -31.23 27.10 40.31
N LYS B 66 -30.23 26.95 41.18
CA LYS B 66 -30.17 27.80 42.38
C LYS B 66 -29.94 29.27 42.01
N LEU B 67 -29.15 29.52 40.98
CA LEU B 67 -28.86 30.86 40.53
C LEU B 67 -30.04 31.50 39.80
N ASP B 68 -31.18 30.81 39.72
CA ASP B 68 -32.41 31.41 39.20
C ASP B 68 -32.68 32.79 39.80
N GLY B 69 -33.15 33.70 38.95
CA GLY B 69 -33.45 35.05 39.37
C GLY B 69 -32.27 35.99 39.32
N GLY B 70 -31.06 35.48 39.14
CA GLY B 70 -29.88 36.33 39.18
C GLY B 70 -29.75 37.01 40.52
N ILE B 71 -29.29 38.25 40.49
CA ILE B 71 -29.28 39.07 41.67
C ILE B 71 -30.13 40.31 41.42
N GLU B 72 -31.26 40.14 40.75
CA GLU B 72 -31.91 41.36 40.30
C GLU B 72 -32.76 42.01 41.39
N PRO B 73 -33.48 41.25 42.23
CA PRO B 73 -34.06 41.87 43.43
C PRO B 73 -33.04 42.65 44.24
N TYR B 74 -31.81 42.16 44.27
CA TYR B 74 -30.80 42.51 45.26
C TYR B 74 -29.94 43.68 44.81
N ARG B 75 -30.11 44.14 43.59
CA ARG B 75 -29.29 45.23 43.08
C ARG B 75 -30.06 46.53 43.26
N LEU B 76 -29.34 47.54 43.69
CA LEU B 76 -29.83 48.86 44.04
C LEU B 76 -29.12 49.95 43.23
N PRO B 77 -29.78 51.10 43.04
CA PRO B 77 -29.34 52.01 41.98
C PRO B 77 -28.00 52.65 42.25
N GLU B 78 -27.44 53.22 41.17
CA GLU B 78 -26.20 53.99 41.21
C GLU B 78 -26.49 55.44 41.58
N VAL B 79 -25.62 56.02 42.40
CA VAL B 79 -25.76 57.41 42.81
C VAL B 79 -24.68 58.22 42.10
N ILE B 80 -25.08 58.83 40.99
CA ILE B 80 -24.34 59.90 40.34
C ILE B 80 -24.29 61.11 41.28
N GLN B 81 -23.13 61.39 41.88
CA GLN B 81 -23.04 62.60 42.70
C GLN B 81 -21.72 63.33 42.44
N LYS B 82 -21.85 64.64 42.17
CA LYS B 82 -20.71 65.45 41.75
C LYS B 82 -19.69 65.59 42.88
N CYS B 83 -18.44 65.29 42.55
CA CYS B 83 -17.36 65.21 43.53
C CYS B 83 -16.96 66.61 44.03
N ASN B 84 -17.18 66.88 45.32
CA ASN B 84 -16.96 68.19 45.93
C ASN B 84 -15.56 68.24 46.58
N ALA B 85 -15.20 69.43 47.08
CA ALA B 85 -13.87 69.69 47.61
C ALA B 85 -13.84 69.79 49.13
N ARG B 86 -14.70 70.62 49.72
CA ARG B 86 -14.73 70.84 51.16
C ARG B 86 -15.21 69.61 51.91
N TRP B 87 -14.77 69.48 53.16
CA TRP B 87 -14.99 68.31 54.02
C TRP B 87 -15.99 68.63 55.12
N THR B 88 -17.28 68.40 54.87
CA THR B 88 -18.24 68.57 55.95
C THR B 88 -17.81 67.69 57.12
N THR B 89 -17.99 68.21 58.34
CA THR B 89 -17.63 67.42 59.53
C THR B 89 -18.27 66.04 59.47
N GLU B 90 -19.42 65.93 58.79
CA GLU B 90 -20.00 64.61 58.51
C GLU B 90 -19.02 63.76 57.72
N GLU B 91 -18.59 64.26 56.55
CA GLU B 91 -17.72 63.49 55.69
C GLU B 91 -16.40 63.16 56.36
N GLN B 92 -15.90 64.07 57.21
CA GLN B 92 -14.72 63.74 58.00
C GLN B 92 -14.96 62.51 58.85
N LEU B 93 -16.16 62.38 59.42
CA LEU B 93 -16.45 61.30 60.38
C LEU B 93 -16.74 59.99 59.68
N LEU B 94 -17.50 59.99 58.59
CA LEU B 94 -17.55 58.86 57.67
C LEU B 94 -16.15 58.33 57.34
N ALA B 95 -15.21 59.25 57.06
CA ALA B 95 -13.86 58.88 56.67
C ALA B 95 -13.17 58.04 57.74
N VAL B 96 -12.98 58.61 58.94
CA VAL B 96 -12.37 57.86 60.04
C VAL B 96 -13.02 56.50 60.27
N GLN B 97 -14.32 56.38 60.04
CA GLN B 97 -14.91 55.07 60.23
C GLN B 97 -14.59 54.15 59.07
N ALA B 98 -14.52 54.71 57.85
CA ALA B 98 -14.13 53.91 56.70
C ALA B 98 -12.68 53.46 56.82
N ILE B 99 -11.79 54.34 57.28
CA ILE B 99 -10.42 53.93 57.56
C ILE B 99 -10.40 52.81 58.58
N ARG B 100 -11.27 52.86 59.58
CA ARG B 100 -11.29 51.81 60.59
C ARG B 100 -11.79 50.48 60.04
N LYS B 101 -12.54 50.50 58.95
CA LYS B 101 -13.14 49.29 58.40
C LYS B 101 -12.53 48.88 57.07
N TYR B 102 -11.68 49.69 56.48
CA TYR B 102 -11.19 49.38 55.14
C TYR B 102 -9.68 49.54 55.01
N GLY B 103 -8.99 49.95 56.06
CA GLY B 103 -7.54 50.04 56.09
C GLY B 103 -6.96 51.11 55.17
N ARG B 104 -6.37 50.66 54.06
CA ARG B 104 -5.73 51.54 53.10
C ARG B 104 -6.43 51.53 51.75
N ASP B 105 -7.55 50.81 51.65
CA ASP B 105 -8.30 50.64 50.40
C ASP B 105 -8.95 51.98 50.06
N PHE B 106 -8.17 52.88 49.48
CA PHE B 106 -8.67 54.24 49.24
C PHE B 106 -9.83 54.26 48.26
N GLN B 107 -10.05 53.18 47.51
CA GLN B 107 -11.15 53.17 46.57
C GLN B 107 -12.47 53.00 47.31
N ALA B 108 -12.52 52.05 48.25
CA ALA B 108 -13.71 51.83 49.06
C ALA B 108 -14.07 53.09 49.84
N ILE B 109 -13.08 53.71 50.47
CA ILE B 109 -13.38 54.89 51.26
C ILE B 109 -13.96 55.99 50.39
N SER B 110 -13.47 56.14 49.17
CA SER B 110 -14.07 57.12 48.28
C SER B 110 -15.48 56.70 47.85
N ASP B 111 -15.82 55.41 47.94
CA ASP B 111 -17.19 55.00 47.64
C ASP B 111 -18.12 55.20 48.83
N VAL B 112 -17.61 55.02 50.04
CA VAL B 112 -18.40 55.28 51.24
C VAL B 112 -18.74 56.77 51.33
N ILE B 113 -17.72 57.62 51.23
CA ILE B 113 -17.91 59.05 51.43
C ILE B 113 -18.69 59.64 50.27
N GLY B 114 -18.46 59.15 49.06
CA GLY B 114 -19.38 59.35 47.96
C GLY B 114 -19.08 60.56 47.08
N ASN B 115 -18.54 61.63 47.66
CA ASN B 115 -18.22 62.83 46.89
C ASN B 115 -16.82 63.32 47.26
N LYS B 116 -15.91 62.40 47.50
CA LYS B 116 -14.49 62.74 47.60
C LYS B 116 -13.71 61.80 46.70
N SER B 117 -12.92 62.38 45.80
CA SER B 117 -12.03 61.64 44.93
C SER B 117 -11.04 60.81 45.72
N VAL B 118 -10.49 59.79 45.06
CA VAL B 118 -9.57 58.86 45.71
C VAL B 118 -8.29 59.54 46.17
N VAL B 119 -8.01 60.74 45.64
CA VAL B 119 -6.82 61.48 46.05
C VAL B 119 -7.12 62.39 47.23
N GLN B 120 -8.26 63.09 47.20
CA GLN B 120 -8.69 63.81 48.39
C GLN B 120 -8.72 62.86 49.57
N VAL B 121 -9.13 61.60 49.32
CA VAL B 121 -9.04 60.55 50.33
C VAL B 121 -7.60 60.36 50.80
N LYS B 122 -6.67 60.26 49.85
CA LYS B 122 -5.27 60.11 50.20
C LYS B 122 -4.72 61.37 50.89
N ASN B 123 -5.14 62.56 50.42
CA ASN B 123 -4.75 63.82 51.08
C ASN B 123 -5.19 63.82 52.54
N PHE B 124 -6.47 63.49 52.78
CA PHE B 124 -7.07 63.38 54.10
C PHE B 124 -6.14 62.66 55.06
N PHE B 125 -5.49 61.60 54.55
CA PHE B 125 -4.65 60.75 55.37
C PHE B 125 -3.50 61.50 56.03
N VAL B 126 -3.07 62.63 55.48
CA VAL B 126 -1.92 63.35 56.01
C VAL B 126 -2.32 64.66 56.65
N ASN B 127 -3.24 65.39 56.03
CA ASN B 127 -3.75 66.62 56.60
C ASN B 127 -4.26 66.35 58.00
N TYR B 128 -5.36 65.61 58.10
CA TYR B 128 -6.00 65.30 59.37
C TYR B 128 -5.38 64.06 60.02
N ARG B 129 -4.18 63.68 59.58
CA ARG B 129 -3.43 62.58 60.19
C ARG B 129 -3.17 62.81 61.68
N ARG B 130 -2.71 63.99 62.03
CA ARG B 130 -2.54 64.36 63.43
C ARG B 130 -3.83 64.20 64.20
N ARG B 131 -4.84 64.99 63.82
CA ARG B 131 -6.00 65.31 64.61
C ARG B 131 -6.99 64.14 64.74
N PHE B 132 -6.81 63.09 63.95
CA PHE B 132 -7.70 61.94 63.96
C PHE B 132 -6.99 60.66 64.32
N ASN B 133 -5.78 60.75 64.88
CA ASN B 133 -5.00 59.59 65.27
C ASN B 133 -5.04 58.50 64.19
N ILE B 134 -4.95 58.92 62.92
CA ILE B 134 -5.07 57.99 61.80
C ILE B 134 -4.18 56.77 62.03
N ASP B 135 -3.03 56.99 62.67
CA ASP B 135 -2.08 55.90 62.90
C ASP B 135 -2.66 54.86 63.84
N GLU B 136 -3.11 55.29 65.03
CA GLU B 136 -3.74 54.36 65.97
C GLU B 136 -4.87 53.61 65.31
N VAL B 137 -5.64 54.29 64.47
CA VAL B 137 -6.79 53.65 63.84
C VAL B 137 -6.32 52.49 62.97
N LEU B 138 -5.31 52.74 62.14
CA LEU B 138 -4.77 51.70 61.26
C LEU B 138 -4.23 50.50 62.04
N GLN B 139 -3.53 50.73 63.16
CA GLN B 139 -3.08 49.62 63.99
C GLN B 139 -4.24 48.70 64.33
N GLU B 140 -5.34 49.30 64.79
CA GLU B 140 -6.48 48.50 65.25
C GLU B 140 -7.22 47.87 64.09
N TRP B 141 -7.19 48.50 62.91
CA TRP B 141 -7.66 47.85 61.70
C TRP B 141 -6.90 46.54 61.44
N GLU B 142 -5.58 46.59 61.64
CA GLU B 142 -4.71 45.45 61.35
C GLU B 142 -4.87 44.33 62.36
N ALA B 143 -5.35 44.64 63.57
CA ALA B 143 -5.65 43.59 64.55
C ALA B 143 -6.64 42.56 64.01
N GLU B 144 -7.56 42.96 63.14
CA GLU B 144 -8.53 42.03 62.56
C GLU B 144 -7.98 41.38 61.29
C4 XB3 C . 0.01 -15.19 -15.69
C14 XB3 C . 2.19 -9.13 -13.71
C5 XB3 C . -1.21 -14.59 -15.91
C6 XB3 C . -2.38 -15.24 -15.62
C11 XB3 C . -0.44 -11.41 -15.31
C7 XB3 C . -2.36 -16.50 -15.08
C8 XB3 C . -3.63 -17.22 -14.74
C9 XB3 C . -2.33 -12.61 -15.78
C10 XB3 C . -1.62 -12.03 -14.59
C12 XB3 C . 0.56 -10.78 -14.39
C13 XB3 C . 1.34 -9.67 -14.67
N1 XB3 C . -1.30 -13.33 -16.44
N2 XB3 C . 0.82 -11.29 -18.30
C3 XB3 C . 0.05 -16.46 -15.15
N3 XB3 C . 2.16 -12.75 -17.04
C1 XB3 C . -1.05 -18.51 -14.26
C15 XB3 C . 2.28 -9.68 -12.44
C16 XB3 C . 3.16 -9.13 -11.37
C17 XB3 C . 3.44 -9.89 -10.24
C18 XB3 C . 4.23 -9.39 -9.21
C19 XB3 C . 4.72 -8.12 -9.29
C2 XB3 C . -1.10 -17.13 -14.85
C20 XB3 C . 4.45 -7.35 -10.39
C21 XB3 C . 3.66 -7.84 -11.42
C22 XB3 C . 1.45 -10.76 -12.16
C23 XB3 C . 0.60 -11.29 -13.10
C24 XB3 C . -0.15 -12.44 -16.44
C25 XB3 C . -0.30 -11.65 -17.70
C26 XB3 C . 2.00 -11.80 -17.92
C27 XB3 C . 1.11 -13.23 -16.48
C28 XB3 C . 2.47 -15.20 -15.93
C29 XB3 C . 2.75 -16.10 -17.11
C30 XB3 C . 3.80 -17.16 -16.82
C31 XB3 C . 4.65 -17.58 -18.01
C32 XB3 C . 5.77 -18.49 -17.59
C33 XB3 C . 5.93 -24.87 -18.44
C34 XB3 C . 5.91 -26.02 -19.38
C35 XB3 C . 5.63 -28.21 -18.82
C36 XB3 C . 5.73 -29.13 -16.47
C37 XB3 C . 6.61 -31.01 -16.83
C38 XB3 C . 7.17 -32.28 -16.82
C39 XB3 C . 7.40 -32.10 -19.10
C40 XB3 C . 6.50 -30.40 -18.05
C41 XB3 C . 4.27 -27.54 -18.69
C42 XB3 C . 4.51 -26.52 -19.78
N4 XB3 C . 1.17 -14.50 -16.03
N5 XB3 C . 5.93 -29.20 -17.81
N6 XB3 C . 6.11 -30.20 -15.85
N7 XB3 C . 7.32 -33.00 -15.72
N8 XB3 C . 7.56 -32.81 -17.99
N9 XB3 C . 6.88 -30.90 -19.23
O1 XB3 C . -2.76 -11.58 -16.62
O10 XB3 C . 6.76 -21.88 -18.20
O11 XB3 C . 4.95 -22.93 -16.96
O12 XB3 C . 4.49 -21.58 -19.06
O13 XB3 C . 5.65 -23.70 -19.17
O14 XB3 C . 6.50 -27.14 -18.71
O15 XB3 C . 3.23 -28.40 -19.06
O16 XB3 C . 4.55 -27.23 -21.01
O2 XB3 C . -1.38 -11.32 -18.13
O3 XB3 C . 2.99 -11.35 -18.43
O4 XB3 C . 1.57 -16.74 -17.35
O5 XB3 C . 4.70 -16.62 -15.93
O6 XB3 C . 3.81 -18.23 -18.95
O7 XB3 C . 5.99 -19.61 -18.47
O8 XB3 C . 8.07 -20.28 -19.55
O9 XB3 C . 7.98 -20.21 -17.01
P1 XB3 C . 7.31 -20.44 -18.29
P2 XB3 C . 5.33 -22.46 -18.28
#